data_2M7G
#
_entry.id   2M7G
#
_entity_poly.entity_id   1
_entity_poly.type   'polypeptide(L)'
_entity_poly.pdbx_seq_one_letter_code
;FTLIELLIVVAIIGILAAIAIPQFSAYRVKAYNSAASSDLRNLKTALESAFADDQTYPPES
;
_entity_poly.pdbx_strand_id   A
#
# COMPACT_ATOMS: atom_id res chain seq x y z
N PHE A 1 3.19 -10.29 40.49
CA PHE A 1 2.40 -11.26 41.29
C PHE A 1 0.91 -10.86 41.41
N THR A 2 0.57 -9.57 41.19
CA THR A 2 -0.83 -9.09 41.36
C THR A 2 -1.64 -9.19 40.05
N LEU A 3 -2.95 -9.51 40.20
CA LEU A 3 -3.90 -9.55 39.07
C LEU A 3 -4.02 -8.17 38.39
N ILE A 4 -3.69 -7.10 39.14
CA ILE A 4 -3.70 -5.70 38.63
C ILE A 4 -2.69 -5.54 37.48
N GLU A 5 -1.46 -6.08 37.65
CA GLU A 5 -0.42 -6.10 36.59
C GLU A 5 -0.93 -6.80 35.32
N LEU A 6 -1.55 -7.98 35.50
CA LEU A 6 -2.10 -8.78 34.40
C LEU A 6 -3.26 -8.05 33.67
N LEU A 7 -4.14 -7.39 34.44
CA LEU A 7 -5.26 -6.62 33.89
C LEU A 7 -4.77 -5.44 33.02
N ILE A 8 -3.76 -4.70 33.51
CA ILE A 8 -3.15 -3.59 32.77
C ILE A 8 -2.45 -4.07 31.47
N VAL A 9 -1.63 -5.13 31.57
CA VAL A 9 -0.88 -5.69 30.43
C VAL A 9 -1.83 -6.20 29.33
N VAL A 10 -2.89 -6.93 29.72
CA VAL A 10 -3.92 -7.42 28.80
C VAL A 10 -4.75 -6.24 28.22
N ALA A 11 -4.94 -5.15 29.00
CA ALA A 11 -5.68 -3.97 28.53
C ALA A 11 -4.90 -3.22 27.43
N ILE A 12 -3.66 -2.77 27.75
CA ILE A 12 -2.81 -1.97 26.85
C ILE A 12 -2.48 -2.74 25.54
N ILE A 13 -2.03 -4.01 25.66
CA ILE A 13 -1.69 -4.87 24.51
C ILE A 13 -2.97 -5.26 23.73
N GLY A 14 -4.10 -5.34 24.46
CA GLY A 14 -5.41 -5.60 23.85
C GLY A 14 -5.84 -4.51 22.86
N ILE A 15 -5.48 -3.24 23.16
CA ILE A 15 -5.75 -2.08 22.28
C ILE A 15 -4.74 -2.08 21.12
N LEU A 16 -3.45 -2.30 21.45
CA LEU A 16 -2.34 -2.31 20.46
C LEU A 16 -2.60 -3.31 19.32
N ALA A 17 -3.08 -4.51 19.69
CA ALA A 17 -3.35 -5.60 18.74
C ALA A 17 -4.63 -5.33 17.92
N ALA A 18 -5.71 -5.00 18.63
CA ALA A 18 -7.05 -4.75 18.03
C ALA A 18 -7.02 -3.67 16.93
N ILE A 19 -6.09 -2.69 17.05
CA ILE A 19 -5.86 -1.68 15.99
C ILE A 19 -4.82 -2.14 14.96
N ALA A 20 -3.76 -2.84 15.41
CA ALA A 20 -2.59 -3.18 14.57
C ALA A 20 -2.92 -4.14 13.44
N ILE A 21 -3.56 -5.29 13.77
CA ILE A 21 -3.85 -6.36 12.80
C ILE A 21 -4.64 -5.84 11.56
N PRO A 22 -5.85 -5.20 11.71
CA PRO A 22 -6.60 -4.65 10.54
C PRO A 22 -5.86 -3.49 9.81
N GLN A 23 -5.25 -2.60 10.61
CA GLN A 23 -4.57 -1.38 10.09
C GLN A 23 -3.36 -1.76 9.20
N PHE A 24 -2.67 -2.83 9.61
CA PHE A 24 -1.42 -3.30 8.98
C PHE A 24 -1.71 -4.26 7.82
N SER A 25 -2.76 -5.10 7.98
CA SER A 25 -3.26 -5.98 6.91
C SER A 25 -3.72 -5.16 5.69
N ALA A 26 -4.57 -4.16 5.96
CA ALA A 26 -5.06 -3.21 4.94
C ALA A 26 -3.95 -2.23 4.43
N TYR A 27 -2.87 -2.05 5.24
CA TYR A 27 -1.71 -1.23 4.84
C TYR A 27 -0.88 -1.94 3.74
N ARG A 28 -0.58 -3.22 3.97
CA ARG A 28 0.15 -4.07 3.00
C ARG A 28 -0.69 -4.33 1.75
N VAL A 29 -2.02 -4.30 1.92
CA VAL A 29 -2.97 -4.41 0.80
C VAL A 29 -2.95 -3.13 -0.06
N LYS A 30 -3.05 -1.97 0.61
CA LYS A 30 -3.06 -0.67 -0.10
C LYS A 30 -1.67 -0.34 -0.68
N ALA A 31 -0.60 -0.96 -0.13
CA ALA A 31 0.77 -0.77 -0.66
C ALA A 31 0.96 -1.62 -1.91
N TYR A 32 0.36 -2.82 -1.89
CA TYR A 32 0.32 -3.73 -3.04
C TYR A 32 -0.44 -3.08 -4.20
N ASN A 33 -1.58 -2.46 -3.86
CA ASN A 33 -2.51 -1.84 -4.85
C ASN A 33 -2.03 -0.43 -5.30
N SER A 34 -1.35 0.30 -4.39
CA SER A 34 -0.73 1.61 -4.75
C SER A 34 0.40 1.41 -5.75
N ALA A 35 1.32 0.48 -5.41
CA ALA A 35 2.45 0.12 -6.28
C ALA A 35 1.98 -0.57 -7.58
N ALA A 36 0.95 -1.42 -7.47
CA ALA A 36 0.34 -2.11 -8.65
C ALA A 36 -0.26 -1.11 -9.67
N SER A 37 -1.16 -0.23 -9.17
CA SER A 37 -1.81 0.80 -10.01
C SER A 37 -0.77 1.75 -10.63
N SER A 38 0.13 2.29 -9.79
CA SER A 38 1.17 3.24 -10.22
C SER A 38 2.20 2.62 -11.17
N ASP A 39 2.42 1.30 -11.06
CA ASP A 39 3.22 0.54 -12.05
C ASP A 39 2.54 0.58 -13.44
N LEU A 40 1.23 0.31 -13.46
CA LEU A 40 0.41 0.26 -14.69
C LEU A 40 0.14 1.66 -15.27
N ARG A 41 0.23 2.69 -14.41
CA ARG A 41 0.06 4.11 -14.81
C ARG A 41 1.36 4.69 -15.37
N ASN A 42 2.40 4.72 -14.52
CA ASN A 42 3.69 5.41 -14.79
C ASN A 42 4.41 4.86 -16.05
N LEU A 43 4.37 3.54 -16.25
CA LEU A 43 5.05 2.89 -17.40
C LEU A 43 4.25 3.06 -18.71
N LYS A 44 2.91 3.11 -18.59
CA LYS A 44 2.00 3.21 -19.74
C LYS A 44 2.00 4.64 -20.30
N THR A 45 1.91 5.62 -19.38
CA THR A 45 1.89 7.05 -19.73
C THR A 45 3.24 7.50 -20.32
N ALA A 46 4.32 6.85 -19.83
CA ALA A 46 5.68 7.01 -20.37
C ALA A 46 5.81 6.44 -21.79
N LEU A 47 5.16 5.28 -22.04
CA LEU A 47 5.09 4.63 -23.36
C LEU A 47 4.32 5.52 -24.37
N GLU A 48 3.16 6.02 -23.93
CA GLU A 48 2.27 6.88 -24.76
C GLU A 48 2.95 8.23 -25.08
N SER A 49 3.81 8.71 -24.17
CA SER A 49 4.55 9.99 -24.35
C SER A 49 5.80 9.80 -25.25
N ALA A 50 6.50 8.67 -25.08
CA ALA A 50 7.78 8.38 -25.79
C ALA A 50 7.54 8.02 -27.27
N PHE A 51 6.44 7.29 -27.52
CA PHE A 51 6.01 6.88 -28.87
C PHE A 51 5.00 7.89 -29.45
N ALA A 52 4.52 8.82 -28.59
CA ALA A 52 3.57 9.89 -28.96
C ALA A 52 2.20 9.34 -29.42
N ASP A 53 1.86 8.18 -28.83
CA ASP A 53 0.75 7.26 -29.23
C ASP A 53 -0.61 7.97 -29.53
N ASP A 54 -0.95 9.01 -28.74
CA ASP A 54 -2.22 9.79 -28.86
C ASP A 54 -2.45 10.39 -30.29
N GLN A 55 -1.36 10.50 -31.08
CA GLN A 55 -1.36 10.98 -32.49
C GLN A 55 -2.34 10.20 -33.41
N THR A 56 -2.51 8.88 -33.14
CA THR A 56 -3.31 7.96 -33.99
C THR A 56 -4.76 7.81 -33.47
N TYR A 57 -5.10 8.50 -32.35
CA TYR A 57 -6.44 8.42 -31.72
C TYR A 57 -7.16 9.80 -31.75
N PRO A 58 -8.53 9.81 -31.81
CA PRO A 58 -9.33 11.08 -31.75
C PRO A 58 -9.44 11.65 -30.30
N PRO A 59 -9.77 12.98 -30.13
CA PRO A 59 -9.94 13.60 -28.80
C PRO A 59 -11.02 12.90 -27.94
N GLU A 60 -10.63 12.50 -26.69
CA GLU A 60 -11.45 11.70 -25.73
C GLU A 60 -12.25 10.55 -26.43
N SER A 61 -11.52 9.46 -26.75
CA SER A 61 -12.07 8.28 -27.48
C SER A 61 -12.78 7.29 -26.51
N PHE A 1 4.96 -9.20 41.76
CA PHE A 1 3.92 -9.09 40.70
C PHE A 1 2.54 -8.83 41.34
N THR A 2 1.77 -7.85 40.82
CA THR A 2 0.39 -7.58 41.28
C THR A 2 -0.60 -7.80 40.13
N LEU A 3 -1.75 -8.44 40.45
CA LEU A 3 -2.81 -8.75 39.48
C LEU A 3 -3.32 -7.51 38.74
N ILE A 4 -3.15 -6.34 39.39
CA ILE A 4 -3.56 -5.04 38.84
C ILE A 4 -2.72 -4.69 37.59
N GLU A 5 -1.38 -4.65 37.75
CA GLU A 5 -0.47 -4.26 36.65
C GLU A 5 -0.43 -5.31 35.53
N LEU A 6 -0.49 -6.60 35.91
CA LEU A 6 -0.56 -7.73 34.95
C LEU A 6 -1.83 -7.68 34.07
N LEU A 7 -2.97 -7.35 34.70
CA LEU A 7 -4.27 -7.21 34.00
C LEU A 7 -4.26 -6.01 33.01
N ILE A 8 -3.64 -4.89 33.41
CA ILE A 8 -3.52 -3.71 32.54
C ILE A 8 -2.58 -3.98 31.33
N VAL A 9 -1.43 -4.63 31.59
CA VAL A 9 -0.47 -5.02 30.53
C VAL A 9 -1.12 -5.96 29.49
N VAL A 10 -1.81 -7.02 29.96
CA VAL A 10 -2.50 -7.96 29.06
C VAL A 10 -3.70 -7.29 28.31
N ALA A 11 -4.32 -6.25 28.96
CA ALA A 11 -5.43 -5.48 28.36
C ALA A 11 -4.96 -4.57 27.21
N ILE A 12 -3.92 -3.73 27.49
CA ILE A 12 -3.41 -2.73 26.53
C ILE A 12 -2.82 -3.41 25.27
N ILE A 13 -1.98 -4.46 25.47
CA ILE A 13 -1.39 -5.26 24.37
C ILE A 13 -2.50 -6.02 23.60
N GLY A 14 -3.61 -6.36 24.30
CA GLY A 14 -4.80 -6.93 23.68
C GLY A 14 -5.45 -5.99 22.65
N ILE A 15 -5.47 -4.68 22.97
CA ILE A 15 -5.98 -3.63 22.07
C ILE A 15 -5.00 -3.36 20.92
N LEU A 16 -3.69 -3.27 21.26
CA LEU A 16 -2.61 -2.96 20.28
C LEU A 16 -2.56 -4.01 19.15
N ALA A 17 -2.82 -5.28 19.52
CA ALA A 17 -2.93 -6.38 18.55
C ALA A 17 -4.22 -6.24 17.73
N ALA A 18 -5.35 -6.13 18.43
CA ALA A 18 -6.70 -6.05 17.85
C ALA A 18 -6.90 -4.86 16.88
N ILE A 19 -6.05 -3.82 16.99
CA ILE A 19 -6.05 -2.68 16.03
C ILE A 19 -4.99 -2.84 14.94
N ALA A 20 -3.81 -3.38 15.28
CA ALA A 20 -2.64 -3.44 14.36
C ALA A 20 -2.85 -4.41 13.19
N ILE A 21 -3.36 -5.61 13.49
CA ILE A 21 -3.61 -6.66 12.47
C ILE A 21 -4.58 -6.15 11.33
N PRO A 22 -5.83 -5.66 11.64
CA PRO A 22 -6.77 -5.13 10.60
C PRO A 22 -6.28 -3.81 9.94
N GLN A 23 -5.63 -2.94 10.73
CA GLN A 23 -5.13 -1.63 10.24
C GLN A 23 -4.03 -1.84 9.18
N PHE A 24 -3.22 -2.88 9.41
CA PHE A 24 -2.05 -3.19 8.55
C PHE A 24 -2.46 -4.07 7.35
N SER A 25 -3.43 -4.97 7.59
CA SER A 25 -4.11 -5.73 6.51
C SER A 25 -4.72 -4.77 5.48
N ALA A 26 -5.58 -3.85 5.96
CA ALA A 26 -6.24 -2.80 5.14
C ALA A 26 -5.21 -1.84 4.49
N TYR A 27 -4.06 -1.63 5.17
CA TYR A 27 -2.95 -0.80 4.62
C TYR A 27 -2.38 -1.48 3.36
N ARG A 28 -2.04 -2.77 3.50
CA ARG A 28 -1.47 -3.59 2.40
C ARG A 28 -2.49 -3.83 1.28
N VAL A 29 -3.80 -3.78 1.63
CA VAL A 29 -4.89 -3.91 0.63
C VAL A 29 -4.91 -2.70 -0.31
N LYS A 30 -4.99 -1.50 0.28
CA LYS A 30 -5.01 -0.23 -0.47
C LYS A 30 -3.64 0.04 -1.13
N ALA A 31 -2.55 -0.54 -0.56
CA ALA A 31 -1.17 -0.36 -1.09
C ALA A 31 -0.92 -1.30 -2.28
N TYR A 32 -1.57 -2.48 -2.25
CA TYR A 32 -1.48 -3.49 -3.35
C TYR A 32 -2.29 -3.01 -4.57
N ASN A 33 -3.21 -2.07 -4.34
CA ASN A 33 -4.01 -1.43 -5.40
C ASN A 33 -3.32 -0.15 -5.89
N SER A 34 -2.98 0.75 -4.94
CA SER A 34 -2.43 2.09 -5.23
C SER A 34 -1.05 2.00 -5.90
N ALA A 35 -0.08 1.38 -5.20
CA ALA A 35 1.30 1.23 -5.71
C ALA A 35 1.37 0.42 -7.03
N ALA A 36 0.56 -0.67 -7.11
CA ALA A 36 0.56 -1.55 -8.30
C ALA A 36 0.06 -0.79 -9.55
N SER A 37 -1.05 -0.05 -9.39
CA SER A 37 -1.60 0.80 -10.46
C SER A 37 -0.63 1.96 -10.81
N SER A 38 -0.06 2.62 -9.80
CA SER A 38 0.74 3.86 -10.00
C SER A 38 2.10 3.59 -10.64
N ASP A 39 2.72 2.45 -10.31
CA ASP A 39 3.93 1.99 -11.02
C ASP A 39 3.61 1.68 -12.48
N LEU A 40 2.56 0.87 -12.72
CA LEU A 40 2.17 0.42 -14.08
C LEU A 40 1.72 1.59 -14.98
N ARG A 41 1.12 2.62 -14.37
CA ARG A 41 0.66 3.82 -15.10
C ARG A 41 1.84 4.79 -15.36
N ASN A 42 2.75 4.91 -14.38
CA ASN A 42 3.99 5.72 -14.52
C ASN A 42 4.93 5.14 -15.62
N LEU A 43 4.95 3.79 -15.71
CA LEU A 43 5.77 3.06 -16.70
C LEU A 43 5.10 3.09 -18.10
N LYS A 44 3.74 3.03 -18.10
CA LYS A 44 2.96 2.99 -19.36
C LYS A 44 3.00 4.37 -20.03
N THR A 45 2.82 5.42 -19.22
CA THR A 45 2.82 6.83 -19.69
C THR A 45 4.21 7.27 -20.19
N ALA A 46 5.25 6.67 -19.59
CA ALA A 46 6.66 6.84 -20.02
C ALA A 46 6.87 6.29 -21.46
N LEU A 47 6.49 5.02 -21.67
CA LEU A 47 6.56 4.34 -22.99
C LEU A 47 5.55 4.95 -24.01
N GLU A 48 4.44 5.52 -23.51
CA GLU A 48 3.40 6.15 -24.32
C GLU A 48 3.92 7.45 -24.94
N SER A 49 4.48 8.32 -24.07
CA SER A 49 5.10 9.61 -24.47
C SER A 49 6.31 9.40 -25.39
N ALA A 50 7.09 8.31 -25.13
CA ALA A 50 8.26 7.93 -25.93
C ALA A 50 7.87 7.59 -27.39
N PHE A 51 6.86 6.71 -27.56
CA PHE A 51 6.35 6.31 -28.89
C PHE A 51 5.49 7.45 -29.54
N ALA A 52 4.93 8.34 -28.67
CA ALA A 52 4.16 9.53 -29.12
C ALA A 52 5.08 10.61 -29.73
N ASP A 53 6.38 10.60 -29.33
CA ASP A 53 7.40 11.51 -29.91
C ASP A 53 7.62 11.22 -31.42
N ASP A 54 7.47 9.93 -31.80
CA ASP A 54 7.56 9.48 -33.20
C ASP A 54 6.33 9.92 -34.04
N GLN A 55 5.19 10.13 -33.36
CA GLN A 55 3.88 10.42 -34.02
C GLN A 55 3.22 11.72 -33.45
N THR A 56 4.04 12.76 -33.19
CA THR A 56 3.55 14.06 -32.62
C THR A 56 2.43 14.70 -33.49
N TYR A 57 2.61 14.64 -34.82
CA TYR A 57 1.54 14.98 -35.80
C TYR A 57 1.65 14.06 -37.04
N PRO A 58 0.87 12.94 -37.10
CA PRO A 58 0.76 12.09 -38.33
C PRO A 58 -0.06 12.78 -39.47
N PRO A 59 -0.06 12.23 -40.73
CA PRO A 59 -0.92 12.76 -41.83
C PRO A 59 -2.44 12.68 -41.48
N GLU A 60 -2.99 13.81 -40.99
CA GLU A 60 -4.39 13.90 -40.53
C GLU A 60 -5.39 13.72 -41.71
N SER A 61 -6.00 12.52 -41.79
CA SER A 61 -6.98 12.16 -42.83
C SER A 61 -8.15 11.35 -42.19
N PHE A 1 3.54 -7.22 43.46
CA PHE A 1 2.99 -8.15 42.43
C PHE A 1 1.51 -8.45 42.70
N THR A 2 0.67 -8.31 41.66
CA THR A 2 -0.78 -8.61 41.72
C THR A 2 -1.32 -9.02 40.35
N LEU A 3 -2.36 -9.87 40.37
CA LEU A 3 -3.06 -10.33 39.15
C LEU A 3 -3.80 -9.17 38.44
N ILE A 4 -4.00 -8.05 39.18
CA ILE A 4 -4.60 -6.81 38.62
C ILE A 4 -3.64 -6.15 37.60
N GLU A 5 -2.34 -6.08 37.94
CA GLU A 5 -1.28 -5.58 37.01
C GLU A 5 -1.22 -6.42 35.72
N LEU A 6 -1.35 -7.76 35.88
CA LEU A 6 -1.42 -8.70 34.73
C LEU A 6 -2.65 -8.41 33.85
N LEU A 7 -3.82 -8.24 34.49
CA LEU A 7 -5.10 -7.87 33.83
C LEU A 7 -4.97 -6.57 32.99
N ILE A 8 -4.28 -5.56 33.54
CA ILE A 8 -4.03 -4.26 32.89
C ILE A 8 -3.02 -4.39 31.71
N VAL A 9 -1.95 -5.20 31.89
CA VAL A 9 -0.96 -5.49 30.83
C VAL A 9 -1.63 -6.20 29.62
N VAL A 10 -2.46 -7.22 29.91
CA VAL A 10 -3.25 -7.92 28.89
C VAL A 10 -4.26 -6.95 28.18
N ALA A 11 -4.84 -6.02 28.97
CA ALA A 11 -5.79 -5.01 28.45
C ALA A 11 -5.11 -4.03 27.45
N ILE A 12 -3.98 -3.41 27.86
CA ILE A 12 -3.29 -2.37 27.06
C ILE A 12 -2.66 -2.95 25.78
N ILE A 13 -2.02 -4.14 25.88
CA ILE A 13 -1.47 -4.86 24.70
C ILE A 13 -2.61 -5.30 23.75
N GLY A 14 -3.78 -5.63 24.35
CA GLY A 14 -4.99 -5.96 23.60
C GLY A 14 -5.46 -4.82 22.68
N ILE A 15 -5.35 -3.57 23.18
CA ILE A 15 -5.67 -2.35 22.42
C ILE A 15 -4.63 -2.11 21.30
N LEU A 16 -3.33 -2.29 21.63
CA LEU A 16 -2.21 -2.08 20.67
C LEU A 16 -2.29 -3.07 19.48
N ALA A 17 -2.74 -4.30 19.76
CA ALA A 17 -2.97 -5.33 18.74
C ALA A 17 -4.23 -5.01 17.92
N ALA A 18 -5.30 -4.62 18.63
CA ALA A 18 -6.61 -4.26 18.04
C ALA A 18 -6.54 -3.08 17.05
N ILE A 19 -5.57 -2.15 17.23
CA ILE A 19 -5.34 -1.05 16.26
C ILE A 19 -4.31 -1.47 15.19
N ALA A 20 -3.28 -2.21 15.58
CA ALA A 20 -2.14 -2.55 14.69
C ALA A 20 -2.55 -3.48 13.54
N ILE A 21 -3.15 -4.63 13.89
CA ILE A 21 -3.54 -5.69 12.93
C ILE A 21 -4.42 -5.17 11.74
N PRO A 22 -5.58 -4.46 11.95
CA PRO A 22 -6.36 -3.87 10.81
C PRO A 22 -5.60 -2.76 10.07
N GLN A 23 -4.87 -1.92 10.83
CA GLN A 23 -4.13 -0.76 10.28
C GLN A 23 -3.02 -1.22 9.31
N PHE A 24 -2.39 -2.34 9.66
CA PHE A 24 -1.22 -2.87 8.91
C PHE A 24 -1.66 -3.88 7.83
N SER A 25 -2.69 -4.71 8.11
CA SER A 25 -3.27 -5.62 7.09
C SER A 25 -3.89 -4.84 5.92
N ALA A 26 -4.69 -3.80 6.26
CA ALA A 26 -5.27 -2.88 5.26
C ALA A 26 -4.19 -2.01 4.56
N TYR A 27 -3.05 -1.78 5.27
CA TYR A 27 -1.91 -1.00 4.72
C TYR A 27 -1.26 -1.71 3.54
N ARG A 28 -0.84 -2.97 3.79
CA ARG A 28 -0.11 -3.79 2.81
C ARG A 28 -0.98 -4.12 1.59
N VAL A 29 -2.29 -4.19 1.81
CA VAL A 29 -3.25 -4.47 0.73
C VAL A 29 -3.49 -3.23 -0.13
N LYS A 30 -3.74 -2.09 0.53
CA LYS A 30 -3.95 -0.80 -0.16
C LYS A 30 -2.65 -0.32 -0.83
N ALA A 31 -1.47 -0.72 -0.28
CA ALA A 31 -0.16 -0.32 -0.83
C ALA A 31 0.20 -1.20 -2.01
N TYR A 32 -0.27 -2.47 -1.98
CA TYR A 32 -0.11 -3.40 -3.10
C TYR A 32 -0.83 -2.86 -4.34
N ASN A 33 -2.13 -2.56 -4.17
CA ASN A 33 -2.98 -2.02 -5.25
C ASN A 33 -2.60 -0.57 -5.64
N SER A 34 -2.23 0.28 -4.67
CA SER A 34 -1.82 1.70 -4.96
C SER A 34 -0.56 1.75 -5.84
N ALA A 35 0.52 1.10 -5.34
CA ALA A 35 1.81 1.05 -6.04
C ALA A 35 1.74 0.25 -7.35
N ALA A 36 0.97 -0.87 -7.37
CA ALA A 36 0.83 -1.73 -8.59
C ALA A 36 0.09 -1.00 -9.72
N SER A 37 -1.11 -0.46 -9.42
CA SER A 37 -1.94 0.29 -10.41
C SER A 37 -1.18 1.49 -11.00
N SER A 38 -0.48 2.23 -10.12
CA SER A 38 0.29 3.43 -10.53
C SER A 38 1.59 3.06 -11.26
N ASP A 39 2.19 1.91 -10.90
CA ASP A 39 3.39 1.38 -11.60
C ASP A 39 3.10 1.13 -13.10
N LEU A 40 2.04 0.33 -13.37
CA LEU A 40 1.75 -0.14 -14.76
C LEU A 40 1.12 0.97 -15.61
N ARG A 41 0.46 1.93 -14.94
CA ARG A 41 -0.13 3.12 -15.58
C ARG A 41 0.98 4.15 -15.94
N ASN A 42 1.95 4.33 -15.02
CA ASN A 42 3.10 5.26 -15.20
C ASN A 42 4.04 4.76 -16.32
N LEU A 43 4.21 3.43 -16.41
CA LEU A 43 5.06 2.79 -17.45
C LEU A 43 4.38 2.84 -18.82
N LYS A 44 3.03 2.85 -18.83
CA LYS A 44 2.24 2.88 -20.06
C LYS A 44 2.19 4.31 -20.62
N THR A 45 1.95 5.29 -19.72
CA THR A 45 1.83 6.72 -20.09
C THR A 45 3.18 7.30 -20.54
N ALA A 46 4.25 6.81 -19.91
CA ALA A 46 5.65 7.14 -20.29
C ALA A 46 6.02 6.53 -21.65
N LEU A 47 5.60 5.26 -21.88
CA LEU A 47 5.89 4.53 -23.12
C LEU A 47 5.17 5.16 -24.34
N GLU A 48 3.88 5.52 -24.17
CA GLU A 48 3.05 6.07 -25.26
C GLU A 48 3.44 7.53 -25.59
N SER A 49 3.86 8.31 -24.57
CA SER A 49 4.35 9.70 -24.77
C SER A 49 5.75 9.69 -25.43
N ALA A 50 6.55 8.67 -25.08
CA ALA A 50 7.90 8.47 -25.64
C ALA A 50 7.82 8.04 -27.13
N PHE A 51 6.88 7.14 -27.43
CA PHE A 51 6.67 6.63 -28.81
C PHE A 51 5.86 7.64 -29.65
N ALA A 52 5.21 8.62 -28.98
CA ALA A 52 4.40 9.67 -29.64
C ALA A 52 5.31 10.60 -30.46
N ASP A 53 6.48 10.94 -29.89
CA ASP A 53 7.46 11.81 -30.57
C ASP A 53 8.28 11.04 -31.64
N ASP A 54 8.43 9.71 -31.46
CA ASP A 54 9.02 8.80 -32.48
C ASP A 54 8.16 8.77 -33.78
N GLN A 55 6.85 8.48 -33.62
CA GLN A 55 5.93 8.34 -34.77
C GLN A 55 5.66 9.70 -35.46
N THR A 56 5.64 10.81 -34.69
CA THR A 56 5.55 12.18 -35.25
C THR A 56 6.98 12.77 -35.43
N TYR A 57 7.67 12.25 -36.44
CA TYR A 57 9.05 12.67 -36.81
C TYR A 57 9.00 13.63 -38.03
N PRO A 58 9.99 14.58 -38.19
CA PRO A 58 10.08 15.45 -39.39
C PRO A 58 10.19 14.63 -40.71
N PRO A 59 9.40 14.98 -41.79
CA PRO A 59 9.45 14.26 -43.10
C PRO A 59 10.86 14.22 -43.74
N GLU A 60 11.21 13.07 -44.34
CA GLU A 60 12.53 12.84 -44.99
C GLU A 60 12.86 13.89 -46.09
N SER A 61 11.86 14.23 -46.93
CA SER A 61 11.97 15.22 -48.03
C SER A 61 10.54 15.72 -48.41
N PHE A 1 3.88 -10.43 41.61
CA PHE A 1 3.10 -10.03 40.41
C PHE A 1 1.73 -9.45 40.83
N THR A 2 1.50 -8.15 40.59
CA THR A 2 0.23 -7.48 40.94
C THR A 2 -0.82 -7.84 39.88
N LEU A 3 -1.95 -8.42 40.31
CA LEU A 3 -3.04 -8.86 39.40
C LEU A 3 -3.66 -7.69 38.62
N ILE A 4 -3.51 -6.46 39.17
CA ILE A 4 -3.89 -5.20 38.47
C ILE A 4 -2.91 -4.93 37.30
N GLU A 5 -1.58 -5.00 37.59
CA GLU A 5 -0.52 -4.85 36.56
C GLU A 5 -0.63 -5.90 35.44
N LEU A 6 -0.99 -7.15 35.82
CA LEU A 6 -1.21 -8.25 34.86
C LEU A 6 -2.48 -8.01 34.01
N LEU A 7 -3.54 -7.51 34.66
CA LEU A 7 -4.82 -7.16 34.00
C LEU A 7 -4.59 -6.09 32.91
N ILE A 8 -3.86 -5.01 33.27
CA ILE A 8 -3.58 -3.87 32.40
C ILE A 8 -2.64 -4.25 31.23
N VAL A 9 -1.50 -4.94 31.52
CA VAL A 9 -0.51 -5.32 30.49
C VAL A 9 -1.13 -6.24 29.41
N VAL A 10 -1.98 -7.19 29.83
CA VAL A 10 -2.75 -8.05 28.93
C VAL A 10 -3.81 -7.23 28.15
N ALA A 11 -4.49 -6.28 28.84
CA ALA A 11 -5.54 -5.44 28.23
C ALA A 11 -4.99 -4.53 27.12
N ILE A 12 -3.92 -3.76 27.44
CA ILE A 12 -3.33 -2.78 26.51
C ILE A 12 -2.73 -3.45 25.26
N ILE A 13 -1.94 -4.55 25.44
CA ILE A 13 -1.35 -5.31 24.34
C ILE A 13 -2.46 -5.98 23.48
N GLY A 14 -3.58 -6.33 24.15
CA GLY A 14 -4.77 -6.84 23.48
C GLY A 14 -5.43 -5.81 22.55
N ILE A 15 -5.50 -4.55 23.00
CA ILE A 15 -6.01 -3.41 22.21
C ILE A 15 -5.05 -3.08 21.05
N LEU A 16 -3.73 -3.04 21.34
CA LEU A 16 -2.69 -2.70 20.36
C LEU A 16 -2.68 -3.71 19.20
N ALA A 17 -2.93 -4.99 19.51
CA ALA A 17 -3.03 -6.06 18.49
C ALA A 17 -4.37 -5.96 17.72
N ALA A 18 -5.49 -5.84 18.47
CA ALA A 18 -6.87 -5.76 17.90
C ALA A 18 -7.03 -4.61 16.89
N ILE A 19 -6.27 -3.52 17.06
CA ILE A 19 -6.22 -2.43 16.06
C ILE A 19 -5.18 -2.71 14.96
N ALA A 20 -4.03 -3.29 15.36
CA ALA A 20 -2.84 -3.48 14.47
C ALA A 20 -3.13 -4.36 13.26
N ILE A 21 -3.65 -5.59 13.50
CA ILE A 21 -3.88 -6.58 12.42
C ILE A 21 -4.79 -6.03 11.26
N PRO A 22 -6.04 -5.51 11.53
CA PRO A 22 -6.89 -4.91 10.46
C PRO A 22 -6.28 -3.62 9.83
N GLN A 23 -5.66 -2.79 10.69
CA GLN A 23 -5.04 -1.51 10.30
C GLN A 23 -3.91 -1.75 9.27
N PHE A 24 -3.11 -2.78 9.55
CA PHE A 24 -1.87 -3.09 8.78
C PHE A 24 -2.18 -3.98 7.57
N SER A 25 -3.24 -4.81 7.66
CA SER A 25 -3.79 -5.51 6.48
C SER A 25 -4.25 -4.48 5.44
N ALA A 26 -5.20 -3.61 5.86
CA ALA A 26 -5.78 -2.54 5.00
C ALA A 26 -4.72 -1.51 4.52
N TYR A 27 -3.64 -1.35 5.32
CA TYR A 27 -2.50 -0.46 4.97
C TYR A 27 -1.68 -1.04 3.80
N ARG A 28 -1.27 -2.31 3.95
CA ARG A 28 -0.49 -3.03 2.94
C ARG A 28 -1.36 -3.40 1.72
N VAL A 29 -2.68 -3.43 1.90
CA VAL A 29 -3.65 -3.66 0.79
C VAL A 29 -3.80 -2.40 -0.06
N LYS A 30 -3.94 -1.24 0.62
CA LYS A 30 -4.08 0.06 -0.06
C LYS A 30 -2.73 0.48 -0.69
N ALA A 31 -1.60 -0.02 -0.11
CA ALA A 31 -0.24 0.25 -0.64
C ALA A 31 0.09 -0.68 -1.80
N TYR A 32 -0.45 -1.92 -1.74
CA TYR A 32 -0.34 -2.91 -2.82
C TYR A 32 -1.09 -2.39 -4.05
N ASN A 33 -2.30 -1.90 -3.79
CA ASN A 33 -3.20 -1.29 -4.79
C ASN A 33 -2.63 0.04 -5.34
N SER A 34 -2.13 0.91 -4.43
CA SER A 34 -1.57 2.24 -4.81
C SER A 34 -0.31 2.11 -5.68
N ALA A 35 0.70 1.38 -5.18
CA ALA A 35 1.98 1.17 -5.88
C ALA A 35 1.79 0.34 -7.16
N ALA A 36 0.87 -0.67 -7.14
CA ALA A 36 0.59 -1.50 -8.35
C ALA A 36 -0.13 -0.70 -9.45
N SER A 37 -1.09 0.15 -9.03
CA SER A 37 -1.80 1.08 -9.96
C SER A 37 -0.83 2.08 -10.58
N SER A 38 0.06 2.65 -9.76
CA SER A 38 1.10 3.60 -10.21
C SER A 38 2.19 2.91 -11.05
N ASP A 39 2.40 1.62 -10.80
CA ASP A 39 3.29 0.78 -11.61
C ASP A 39 2.74 0.62 -13.05
N LEU A 40 1.45 0.22 -13.17
CA LEU A 40 0.83 -0.08 -14.49
C LEU A 40 0.43 1.20 -15.25
N ARG A 41 0.34 2.31 -14.51
CA ARG A 41 0.13 3.66 -15.10
C ARG A 41 1.45 4.30 -15.57
N ASN A 42 2.42 4.51 -14.64
CA ASN A 42 3.69 5.24 -14.93
C ASN A 42 4.51 4.53 -16.04
N LEU A 43 4.60 3.19 -15.97
CA LEU A 43 5.44 2.40 -16.91
C LEU A 43 4.79 2.30 -18.30
N LYS A 44 3.45 2.36 -18.35
CA LYS A 44 2.70 2.31 -19.62
C LYS A 44 2.73 3.69 -20.30
N THR A 45 2.44 4.74 -19.50
CA THR A 45 2.30 6.14 -19.98
C THR A 45 3.65 6.75 -20.39
N ALA A 46 4.73 6.25 -19.78
CA ALA A 46 6.12 6.60 -20.15
C ALA A 46 6.40 6.21 -21.62
N LEU A 47 6.09 4.95 -21.96
CA LEU A 47 6.22 4.41 -23.34
C LEU A 47 5.23 5.11 -24.32
N GLU A 48 4.01 5.44 -23.82
CA GLU A 48 2.99 6.17 -24.60
C GLU A 48 3.42 7.62 -24.88
N SER A 49 4.15 8.23 -23.94
CA SER A 49 4.68 9.61 -24.08
C SER A 49 6.01 9.63 -24.87
N ALA A 50 6.72 8.49 -24.89
CA ALA A 50 8.06 8.37 -25.51
C ALA A 50 7.99 8.22 -27.04
N PHE A 51 6.89 7.62 -27.54
CA PHE A 51 6.68 7.36 -28.98
C PHE A 51 5.47 8.17 -29.49
N ALA A 52 4.57 8.55 -28.55
CA ALA A 52 3.21 9.03 -28.83
C ALA A 52 2.33 7.85 -29.33
N ASP A 53 1.68 7.17 -28.36
CA ASP A 53 0.86 5.93 -28.57
C ASP A 53 -0.01 5.97 -29.86
N ASP A 54 -0.80 7.04 -30.00
CA ASP A 54 -1.55 7.33 -31.25
C ASP A 54 -1.00 8.63 -31.88
N GLN A 55 -0.62 8.56 -33.17
CA GLN A 55 0.05 9.68 -33.89
C GLN A 55 -0.97 10.74 -34.42
N THR A 56 -2.26 10.40 -34.45
CA THR A 56 -3.31 11.23 -35.09
C THR A 56 -4.40 11.71 -34.10
N TYR A 57 -4.22 11.43 -32.79
CA TYR A 57 -5.24 11.69 -31.74
C TYR A 57 -5.73 13.18 -31.73
N PRO A 58 -7.01 13.46 -32.13
CA PRO A 58 -7.59 14.82 -32.07
C PRO A 58 -8.26 15.14 -30.71
N PRO A 59 -8.61 16.44 -30.43
CA PRO A 59 -9.55 16.80 -29.32
C PRO A 59 -10.99 16.29 -29.60
N GLU A 60 -11.77 16.04 -28.53
CA GLU A 60 -13.17 15.59 -28.64
C GLU A 60 -14.06 16.71 -29.21
N SER A 61 -14.56 16.52 -30.45
CA SER A 61 -15.41 17.52 -31.16
C SER A 61 -16.78 17.71 -30.45
N PHE A 1 3.97 -8.02 39.31
CA PHE A 1 3.87 -8.98 40.45
C PHE A 1 2.42 -9.47 40.61
N THR A 2 1.48 -8.52 40.77
CA THR A 2 0.04 -8.82 40.95
C THR A 2 -0.63 -9.24 39.64
N LEU A 3 -1.73 -9.99 39.76
CA LEU A 3 -2.62 -10.34 38.61
C LEU A 3 -3.27 -9.08 38.00
N ILE A 4 -3.31 -7.98 38.79
CA ILE A 4 -3.88 -6.69 38.36
C ILE A 4 -2.95 -5.99 37.34
N GLU A 5 -1.65 -5.91 37.68
CA GLU A 5 -0.60 -5.35 36.79
C GLU A 5 -0.55 -6.09 35.44
N LEU A 6 -0.62 -7.43 35.50
CA LEU A 6 -0.73 -8.30 34.30
C LEU A 6 -1.98 -7.97 33.47
N LEU A 7 -3.13 -7.85 34.16
CA LEU A 7 -4.42 -7.51 33.52
C LEU A 7 -4.35 -6.18 32.73
N ILE A 8 -3.66 -5.18 33.30
CA ILE A 8 -3.46 -3.87 32.68
C ILE A 8 -2.59 -3.97 31.42
N VAL A 9 -1.42 -4.64 31.53
CA VAL A 9 -0.49 -4.84 30.41
C VAL A 9 -1.17 -5.59 29.23
N VAL A 10 -1.93 -6.63 29.55
CA VAL A 10 -2.71 -7.39 28.56
C VAL A 10 -3.85 -6.53 27.95
N ALA A 11 -4.48 -5.67 28.77
CA ALA A 11 -5.59 -4.79 28.32
C ALA A 11 -5.09 -3.74 27.31
N ILE A 12 -4.06 -2.97 27.71
CA ILE A 12 -3.51 -1.86 26.91
C ILE A 12 -2.91 -2.35 25.56
N ILE A 13 -2.05 -3.43 25.60
CA ILE A 13 -1.48 -4.06 24.37
C ILE A 13 -2.61 -4.71 23.54
N GLY A 14 -3.65 -5.21 24.24
CA GLY A 14 -4.83 -5.82 23.61
C GLY A 14 -5.58 -4.85 22.68
N ILE A 15 -5.66 -3.57 23.08
CA ILE A 15 -6.28 -2.49 22.27
C ILE A 15 -5.38 -2.13 21.07
N LEU A 16 -4.06 -1.99 21.34
CA LEU A 16 -3.04 -1.66 20.31
C LEU A 16 -3.00 -2.73 19.20
N ALA A 17 -3.17 -4.00 19.60
CA ALA A 17 -3.20 -5.14 18.67
C ALA A 17 -4.53 -5.19 17.89
N ALA A 18 -5.65 -5.06 18.63
CA ALA A 18 -7.02 -5.12 18.06
C ALA A 18 -7.25 -4.07 16.95
N ILE A 19 -6.52 -2.94 17.00
CA ILE A 19 -6.54 -1.94 15.90
C ILE A 19 -5.44 -2.20 14.85
N ALA A 20 -4.25 -2.64 15.30
CA ALA A 20 -3.05 -2.76 14.43
C ALA A 20 -3.19 -3.83 13.35
N ILE A 21 -3.58 -5.04 13.74
CA ILE A 21 -3.66 -6.21 12.82
C ILE A 21 -4.64 -5.95 11.62
N PRO A 22 -5.94 -5.56 11.83
CA PRO A 22 -6.88 -5.24 10.71
C PRO A 22 -6.41 -4.01 9.88
N GLN A 23 -5.90 -2.99 10.58
CA GLN A 23 -5.48 -1.71 9.98
C GLN A 23 -4.28 -1.93 9.03
N PHE A 24 -3.40 -2.85 9.45
CA PHE A 24 -2.14 -3.16 8.74
C PHE A 24 -2.39 -4.16 7.59
N SER A 25 -3.30 -5.12 7.82
CA SER A 25 -3.79 -6.05 6.78
C SER A 25 -4.38 -5.28 5.58
N ALA A 26 -5.20 -4.27 5.90
CA ALA A 26 -5.80 -3.36 4.89
C ALA A 26 -4.76 -2.39 4.31
N TYR A 27 -3.76 -1.99 5.12
CA TYR A 27 -2.71 -0.99 4.74
C TYR A 27 -1.75 -1.54 3.68
N ARG A 28 -1.28 -2.76 3.91
CA ARG A 28 -0.26 -3.44 3.07
C ARG A 28 -0.89 -3.94 1.76
N VAL A 29 -2.22 -4.18 1.78
CA VAL A 29 -2.97 -4.59 0.56
C VAL A 29 -3.36 -3.34 -0.25
N LYS A 30 -3.65 -2.25 0.47
CA LYS A 30 -3.80 -0.90 -0.11
C LYS A 30 -2.46 -0.46 -0.75
N ALA A 31 -1.33 -0.87 -0.14
CA ALA A 31 0.03 -0.56 -0.65
C ALA A 31 0.30 -1.33 -1.94
N TYR A 32 -0.17 -2.59 -2.00
CA TYR A 32 -0.12 -3.41 -3.21
C TYR A 32 -0.88 -2.73 -4.35
N ASN A 33 -2.18 -2.49 -4.12
CA ASN A 33 -3.08 -1.85 -5.11
C ASN A 33 -2.60 -0.46 -5.57
N SER A 34 -2.15 0.36 -4.61
CA SER A 34 -1.70 1.76 -4.88
C SER A 34 -0.41 1.76 -5.70
N ALA A 35 0.64 1.10 -5.20
CA ALA A 35 1.96 1.04 -5.86
C ALA A 35 1.91 0.28 -7.19
N ALA A 36 1.09 -0.80 -7.25
CA ALA A 36 0.94 -1.61 -8.50
C ALA A 36 0.21 -0.83 -9.61
N SER A 37 -0.92 -0.19 -9.27
CA SER A 37 -1.71 0.61 -10.24
C SER A 37 -0.96 1.90 -10.66
N SER A 38 -0.18 2.47 -9.72
CA SER A 38 0.62 3.68 -9.98
C SER A 38 1.92 3.35 -10.73
N ASP A 39 2.39 2.10 -10.58
CA ASP A 39 3.48 1.54 -11.40
C ASP A 39 2.99 1.35 -12.86
N LEU A 40 1.80 0.74 -13.02
CA LEU A 40 1.20 0.47 -14.34
C LEU A 40 0.80 1.79 -15.04
N ARG A 41 0.43 2.79 -14.23
CA ARG A 41 0.13 4.14 -14.72
C ARG A 41 1.42 4.86 -15.17
N ASN A 42 2.47 4.76 -14.34
CA ASN A 42 3.78 5.39 -14.59
C ASN A 42 4.47 4.81 -15.84
N LEU A 43 4.37 3.48 -16.02
CA LEU A 43 4.96 2.77 -17.17
C LEU A 43 4.15 2.99 -18.45
N LYS A 44 2.83 3.18 -18.31
CA LYS A 44 1.91 3.38 -19.45
C LYS A 44 2.10 4.78 -20.04
N THR A 45 2.12 5.77 -19.14
CA THR A 45 2.26 7.19 -19.48
C THR A 45 3.65 7.51 -20.03
N ALA A 46 4.66 6.78 -19.51
CA ALA A 46 6.04 6.83 -20.01
C ALA A 46 6.17 6.19 -21.39
N LEU A 47 5.52 5.02 -21.59
CA LEU A 47 5.61 4.23 -22.84
C LEU A 47 4.88 4.93 -24.01
N GLU A 48 3.73 5.58 -23.70
CA GLU A 48 2.94 6.32 -24.70
C GLU A 48 3.63 7.65 -25.07
N SER A 49 4.37 8.25 -24.11
CA SER A 49 5.18 9.47 -24.35
C SER A 49 6.56 9.14 -24.97
N ALA A 50 6.95 7.85 -24.92
CA ALA A 50 8.25 7.36 -25.46
C ALA A 50 8.17 7.11 -26.97
N PHE A 51 7.12 6.37 -27.38
CA PHE A 51 6.89 6.03 -28.80
C PHE A 51 6.06 7.14 -29.48
N ALA A 52 5.04 7.63 -28.76
CA ALA A 52 4.08 8.67 -29.25
C ALA A 52 3.30 8.20 -30.51
N ASP A 53 3.26 6.87 -30.72
CA ASP A 53 2.67 6.24 -31.94
C ASP A 53 1.67 5.10 -31.56
N ASP A 54 1.26 5.07 -30.27
CA ASP A 54 0.30 4.07 -29.71
C ASP A 54 0.81 2.61 -29.80
N GLN A 55 2.15 2.45 -29.85
CA GLN A 55 2.83 1.13 -29.84
C GLN A 55 2.82 0.50 -28.42
N THR A 56 2.33 1.29 -27.42
CA THR A 56 2.05 0.83 -26.04
C THR A 56 1.09 -0.38 -26.01
N TYR A 57 0.09 -0.36 -26.92
CA TYR A 57 -0.89 -1.45 -27.06
C TYR A 57 -0.70 -2.17 -28.44
N PRO A 58 -0.04 -3.37 -28.46
CA PRO A 58 0.08 -4.20 -29.70
C PRO A 58 -1.28 -4.86 -30.11
N PRO A 59 -1.47 -5.25 -31.43
CA PRO A 59 -2.66 -6.02 -31.88
C PRO A 59 -2.79 -7.39 -31.15
N GLU A 60 -3.53 -7.38 -30.01
CA GLU A 60 -3.67 -8.55 -29.11
C GLU A 60 -4.75 -9.54 -29.61
N SER A 61 -5.76 -9.02 -30.29
CA SER A 61 -6.93 -9.82 -30.78
C SER A 61 -6.85 -10.12 -32.30
N PHE A 1 3.97 -8.88 40.40
CA PHE A 1 3.68 -8.62 41.82
C PHE A 1 2.16 -8.63 42.11
N THR A 2 1.36 -7.93 41.28
CA THR A 2 -0.11 -7.79 41.49
C THR A 2 -0.91 -8.17 40.24
N LEU A 3 -2.16 -8.66 40.47
CA LEU A 3 -3.12 -8.96 39.38
C LEU A 3 -3.51 -7.68 38.63
N ILE A 4 -3.38 -6.51 39.31
CA ILE A 4 -3.70 -5.18 38.74
C ILE A 4 -2.84 -4.89 37.49
N GLU A 5 -1.51 -5.10 37.61
CA GLU A 5 -0.57 -4.93 36.48
C GLU A 5 -0.82 -5.94 35.37
N LEU A 6 -1.21 -7.17 35.73
CA LEU A 6 -1.55 -8.23 34.74
C LEU A 6 -2.81 -7.84 33.92
N LEU A 7 -3.80 -7.21 34.59
CA LEU A 7 -5.01 -6.66 33.92
C LEU A 7 -4.64 -5.57 32.88
N ILE A 8 -3.71 -4.67 33.27
CA ILE A 8 -3.24 -3.56 32.44
C ILE A 8 -2.41 -4.03 31.23
N VAL A 9 -1.36 -4.85 31.48
CA VAL A 9 -0.44 -5.33 30.43
C VAL A 9 -1.19 -6.10 29.30
N VAL A 10 -2.14 -6.97 29.70
CA VAL A 10 -2.96 -7.72 28.73
C VAL A 10 -3.95 -6.78 27.97
N ALA A 11 -4.46 -5.72 28.63
CA ALA A 11 -5.42 -4.78 27.98
C ALA A 11 -4.71 -3.86 26.95
N ILE A 12 -3.59 -3.23 27.38
CA ILE A 12 -2.85 -2.24 26.55
C ILE A 12 -2.24 -2.89 25.28
N ILE A 13 -1.64 -4.09 25.43
CA ILE A 13 -1.08 -4.88 24.31
C ILE A 13 -2.23 -5.49 23.47
N GLY A 14 -3.36 -5.78 24.15
CA GLY A 14 -4.58 -6.26 23.50
C GLY A 14 -5.16 -5.25 22.50
N ILE A 15 -5.05 -3.95 22.82
CA ILE A 15 -5.44 -2.84 21.91
C ILE A 15 -4.45 -2.76 20.74
N LEU A 16 -3.13 -2.79 21.05
CA LEU A 16 -2.06 -2.64 20.03
C LEU A 16 -2.14 -3.72 18.93
N ALA A 17 -2.52 -4.94 19.32
CA ALA A 17 -2.75 -6.05 18.39
C ALA A 17 -4.04 -5.83 17.57
N ALA A 18 -5.13 -5.57 18.32
CA ALA A 18 -6.49 -5.39 17.75
C ALA A 18 -6.63 -4.15 16.84
N ILE A 19 -5.72 -3.17 16.94
CA ILE A 19 -5.70 -2.02 16.01
C ILE A 19 -4.72 -2.26 14.84
N ALA A 20 -3.53 -2.79 15.13
CA ALA A 20 -2.42 -2.89 14.14
C ALA A 20 -2.69 -3.95 13.07
N ILE A 21 -3.11 -5.15 13.50
CA ILE A 21 -3.36 -6.30 12.60
C ILE A 21 -4.44 -6.00 11.51
N PRO A 22 -5.70 -5.55 11.85
CA PRO A 22 -6.72 -5.19 10.81
C PRO A 22 -6.29 -3.97 9.96
N GLN A 23 -5.66 -2.98 10.63
CA GLN A 23 -5.21 -1.72 9.98
C GLN A 23 -4.11 -2.00 8.94
N PHE A 24 -3.25 -2.99 9.27
CA PHE A 24 -2.09 -3.36 8.42
C PHE A 24 -2.48 -4.40 7.35
N SER A 25 -3.37 -5.34 7.72
CA SER A 25 -3.98 -6.27 6.74
C SER A 25 -4.69 -5.49 5.61
N ALA A 26 -5.53 -4.52 6.00
CA ALA A 26 -6.22 -3.62 5.05
C ALA A 26 -5.24 -2.68 4.31
N TYR A 27 -4.13 -2.31 4.99
CA TYR A 27 -3.10 -1.40 4.43
C TYR A 27 -2.35 -2.07 3.27
N ARG A 28 -1.82 -3.27 3.53
CA ARG A 28 -0.98 -4.01 2.57
C ARG A 28 -1.81 -4.52 1.39
N VAL A 29 -3.14 -4.57 1.57
CA VAL A 29 -4.07 -4.86 0.45
C VAL A 29 -4.25 -3.62 -0.45
N LYS A 30 -4.56 -2.48 0.17
CA LYS A 30 -4.79 -1.20 -0.54
C LYS A 30 -3.47 -0.59 -1.06
N ALA A 31 -2.31 -1.02 -0.50
CA ALA A 31 -0.97 -0.55 -0.90
C ALA A 31 -0.45 -1.38 -2.08
N TYR A 32 -0.82 -2.68 -2.07
CA TYR A 32 -0.57 -3.60 -3.21
C TYR A 32 -1.45 -3.20 -4.41
N ASN A 33 -2.54 -2.50 -4.11
CA ASN A 33 -3.45 -1.90 -5.11
C ASN A 33 -2.93 -0.53 -5.57
N SER A 34 -2.62 0.35 -4.61
CA SER A 34 -2.27 1.78 -4.88
C SER A 34 -0.92 1.91 -5.60
N ALA A 35 0.14 1.32 -5.01
CA ALA A 35 1.50 1.32 -5.60
C ALA A 35 1.51 0.61 -6.96
N ALA A 36 0.76 -0.50 -7.08
CA ALA A 36 0.71 -1.30 -8.33
C ALA A 36 -0.02 -0.54 -9.47
N SER A 37 -1.17 0.09 -9.13
CA SER A 37 -1.98 0.89 -10.09
C SER A 37 -1.16 2.04 -10.69
N SER A 38 -0.42 2.74 -9.81
CA SER A 38 0.42 3.89 -10.20
C SER A 38 1.75 3.46 -10.85
N ASP A 39 2.24 2.26 -10.50
CA ASP A 39 3.41 1.65 -11.17
C ASP A 39 3.08 1.30 -12.63
N LEU A 40 1.92 0.64 -12.84
CA LEU A 40 1.48 0.18 -14.16
C LEU A 40 1.05 1.37 -15.06
N ARG A 41 0.52 2.42 -14.41
CA ARG A 41 0.19 3.69 -15.08
C ARG A 41 1.48 4.48 -15.40
N ASN A 42 2.52 4.33 -14.53
CA ASN A 42 3.85 4.91 -14.77
C ASN A 42 4.57 4.22 -15.95
N LEU A 43 4.29 2.91 -16.15
CA LEU A 43 4.77 2.16 -17.33
C LEU A 43 4.11 2.69 -18.62
N LYS A 44 2.82 3.06 -18.51
CA LYS A 44 2.00 3.53 -19.63
C LYS A 44 2.43 4.94 -20.06
N THR A 45 2.58 5.83 -19.06
CA THR A 45 2.93 7.26 -19.27
C THR A 45 4.38 7.41 -19.78
N ALA A 46 5.24 6.45 -19.36
CA ALA A 46 6.62 6.34 -19.84
C ALA A 46 6.66 5.98 -21.33
N LEU A 47 5.93 4.90 -21.70
CA LEU A 47 5.79 4.44 -23.11
C LEU A 47 5.00 5.46 -23.98
N GLU A 48 4.09 6.24 -23.35
CA GLU A 48 3.26 7.25 -24.02
C GLU A 48 4.09 8.46 -24.46
N SER A 49 4.84 9.04 -23.50
CA SER A 49 5.72 10.20 -23.74
C SER A 49 6.93 9.82 -24.64
N ALA A 50 7.42 8.57 -24.47
CA ALA A 50 8.53 8.02 -25.29
C ALA A 50 8.11 7.86 -26.76
N PHE A 51 6.97 7.17 -27.02
CA PHE A 51 6.46 6.91 -28.39
C PHE A 51 5.89 8.20 -29.03
N ALA A 52 5.52 9.20 -28.19
CA ALA A 52 5.16 10.56 -28.66
C ALA A 52 6.39 11.27 -29.28
N ASP A 53 7.55 11.14 -28.60
CA ASP A 53 8.86 11.60 -29.13
C ASP A 53 9.37 10.64 -30.26
N ASP A 54 8.92 9.37 -30.19
CA ASP A 54 9.20 8.28 -31.14
C ASP A 54 10.68 7.80 -31.17
N GLN A 55 10.87 6.48 -30.92
CA GLN A 55 12.16 5.77 -31.11
C GLN A 55 11.91 4.45 -31.89
N THR A 56 10.73 4.35 -32.56
CA THR A 56 10.33 3.17 -33.35
C THR A 56 10.66 3.38 -34.85
N TYR A 57 10.16 4.50 -35.42
CA TYR A 57 10.37 4.86 -36.84
C TYR A 57 11.72 5.62 -37.00
N PRO A 58 12.42 5.51 -38.18
CA PRO A 58 13.65 6.32 -38.48
C PRO A 58 13.44 7.85 -38.25
N PRO A 59 14.40 8.56 -37.55
CA PRO A 59 14.22 9.99 -37.18
C PRO A 59 14.08 10.92 -38.40
N GLU A 60 12.85 11.42 -38.66
CA GLU A 60 12.56 12.31 -39.80
C GLU A 60 13.38 13.62 -39.73
N SER A 61 13.57 14.15 -38.50
CA SER A 61 14.45 15.31 -38.24
C SER A 61 15.94 14.87 -38.15
N PHE A 1 3.18 -9.94 43.24
CA PHE A 1 2.51 -9.20 42.13
C PHE A 1 0.98 -9.14 42.35
N THR A 2 0.35 -8.04 41.90
CA THR A 2 -1.11 -7.87 41.92
C THR A 2 -1.71 -8.38 40.58
N LEU A 3 -2.84 -9.11 40.67
CA LEU A 3 -3.59 -9.62 39.49
C LEU A 3 -4.00 -8.45 38.56
N ILE A 4 -4.29 -7.29 39.17
CA ILE A 4 -4.74 -6.08 38.43
C ILE A 4 -3.62 -5.54 37.50
N GLU A 5 -2.36 -5.60 37.96
CA GLU A 5 -1.17 -5.24 37.15
C GLU A 5 -1.13 -6.10 35.85
N LEU A 6 -1.36 -7.40 36.01
CA LEU A 6 -1.42 -8.37 34.89
C LEU A 6 -2.59 -8.08 33.95
N LEU A 7 -3.77 -7.77 34.55
CA LEU A 7 -5.01 -7.43 33.82
C LEU A 7 -4.76 -6.22 32.88
N ILE A 8 -4.14 -5.15 33.43
CA ILE A 8 -3.83 -3.92 32.72
C ILE A 8 -2.80 -4.14 31.59
N VAL A 9 -1.72 -4.90 31.86
CA VAL A 9 -0.69 -5.22 30.87
C VAL A 9 -1.27 -6.04 29.67
N VAL A 10 -2.08 -7.06 29.97
CA VAL A 10 -2.78 -7.84 28.94
C VAL A 10 -3.84 -6.97 28.19
N ALA A 11 -4.47 -6.01 28.91
CA ALA A 11 -5.48 -5.10 28.34
C ALA A 11 -4.85 -4.14 27.30
N ILE A 12 -3.81 -3.38 27.72
CA ILE A 12 -3.15 -2.36 26.86
C ILE A 12 -2.53 -3.00 25.59
N ILE A 13 -1.81 -4.13 25.77
CA ILE A 13 -1.20 -4.91 24.68
C ILE A 13 -2.30 -5.53 23.77
N GLY A 14 -3.44 -5.87 24.40
CA GLY A 14 -4.63 -6.33 23.67
C GLY A 14 -5.17 -5.27 22.69
N ILE A 15 -5.15 -3.98 23.09
CA ILE A 15 -5.56 -2.86 22.22
C ILE A 15 -4.50 -2.62 21.13
N LEU A 16 -3.20 -2.70 21.51
CA LEU A 16 -2.06 -2.49 20.57
C LEU A 16 -2.10 -3.48 19.39
N ALA A 17 -2.45 -4.75 19.70
CA ALA A 17 -2.60 -5.81 18.68
C ALA A 17 -3.91 -5.61 17.87
N ALA A 18 -5.00 -5.34 18.61
CA ALA A 18 -6.35 -5.13 18.03
C ALA A 18 -6.42 -3.98 17.01
N ILE A 19 -5.61 -2.92 17.20
CA ILE A 19 -5.51 -1.80 16.24
C ILE A 19 -4.50 -2.10 15.12
N ALA A 20 -3.39 -2.76 15.49
CA ALA A 20 -2.25 -3.04 14.58
C ALA A 20 -2.64 -3.95 13.41
N ILE A 21 -3.19 -5.12 13.72
CA ILE A 21 -3.52 -6.17 12.73
C ILE A 21 -4.44 -5.67 11.56
N PRO A 22 -5.64 -5.04 11.81
CA PRO A 22 -6.46 -4.49 10.70
C PRO A 22 -5.78 -3.30 9.99
N GLN A 23 -5.14 -2.43 10.79
CA GLN A 23 -4.47 -1.19 10.28
C GLN A 23 -3.38 -1.54 9.27
N PHE A 24 -2.63 -2.59 9.60
CA PHE A 24 -1.41 -3.00 8.85
C PHE A 24 -1.72 -4.03 7.75
N SER A 25 -2.71 -4.92 8.00
CA SER A 25 -3.23 -5.84 6.93
C SER A 25 -3.85 -5.01 5.78
N ALA A 26 -4.79 -4.11 6.15
CA ALA A 26 -5.44 -3.18 5.20
C ALA A 26 -4.44 -2.19 4.57
N TYR A 27 -3.33 -1.88 5.30
CA TYR A 27 -2.25 -1.00 4.79
C TYR A 27 -1.51 -1.64 3.61
N ARG A 28 -1.12 -2.91 3.78
CA ARG A 28 -0.39 -3.69 2.77
C ARG A 28 -1.25 -3.98 1.54
N VAL A 29 -2.58 -4.09 1.77
CA VAL A 29 -3.54 -4.29 0.65
C VAL A 29 -3.68 -2.99 -0.14
N LYS A 30 -3.89 -1.89 0.60
CA LYS A 30 -3.91 -0.52 0.08
C LYS A 30 -2.60 -0.19 -0.68
N ALA A 31 -1.46 -0.65 -0.14
CA ALA A 31 -0.12 -0.32 -0.68
C ALA A 31 0.14 -1.07 -1.99
N TYR A 32 -0.18 -2.37 -1.98
CA TYR A 32 -0.01 -3.24 -3.14
C TYR A 32 -0.91 -2.79 -4.32
N ASN A 33 -2.13 -2.32 -3.98
CA ASN A 33 -3.11 -1.82 -4.97
C ASN A 33 -2.72 -0.43 -5.53
N SER A 34 -2.23 0.46 -4.65
CA SER A 34 -1.83 1.85 -5.04
C SER A 34 -0.56 1.82 -5.92
N ALA A 35 0.45 1.09 -5.45
CA ALA A 35 1.73 0.88 -6.18
C ALA A 35 1.48 0.13 -7.51
N ALA A 36 0.58 -0.88 -7.49
CA ALA A 36 0.17 -1.61 -8.72
C ALA A 36 -0.52 -0.68 -9.76
N SER A 37 -1.46 0.15 -9.27
CA SER A 37 -2.21 1.13 -10.12
C SER A 37 -1.26 2.14 -10.79
N SER A 38 -0.30 2.63 -10.00
CA SER A 38 0.72 3.60 -10.46
C SER A 38 1.76 2.93 -11.37
N ASP A 39 2.07 1.66 -11.08
CA ASP A 39 2.99 0.84 -11.91
C ASP A 39 2.46 0.68 -13.35
N LEU A 40 1.19 0.22 -13.47
CA LEU A 40 0.61 -0.14 -14.79
C LEU A 40 0.35 1.11 -15.65
N ARG A 41 0.03 2.23 -14.98
CA ARG A 41 -0.27 3.51 -15.64
C ARG A 41 1.03 4.24 -16.03
N ASN A 42 2.05 4.22 -15.15
CA ASN A 42 3.35 4.90 -15.39
C ASN A 42 4.15 4.25 -16.54
N LEU A 43 4.11 2.90 -16.63
CA LEU A 43 4.82 2.15 -17.70
C LEU A 43 4.16 2.38 -19.07
N LYS A 44 2.84 2.64 -19.06
CA LYS A 44 2.08 2.95 -20.27
C LYS A 44 2.32 4.42 -20.69
N THR A 45 2.27 5.35 -19.70
CA THR A 45 2.41 6.81 -19.95
C THR A 45 3.84 7.15 -20.42
N ALA A 46 4.80 6.35 -19.94
CA ALA A 46 6.20 6.36 -20.41
C ALA A 46 6.26 6.07 -21.93
N LEU A 47 5.47 5.07 -22.37
CA LEU A 47 5.31 4.72 -23.80
C LEU A 47 4.56 5.86 -24.58
N GLU A 48 3.52 6.44 -23.94
CA GLU A 48 2.68 7.52 -24.54
C GLU A 48 3.50 8.80 -24.80
N SER A 49 4.47 9.09 -23.92
CA SER A 49 5.38 10.23 -24.08
C SER A 49 6.57 9.91 -25.00
N ALA A 50 7.32 8.84 -24.65
CA ALA A 50 8.55 8.44 -25.37
C ALA A 50 8.29 8.10 -26.85
N PHE A 51 7.34 7.21 -27.10
CA PHE A 51 7.09 6.70 -28.47
C PHE A 51 5.97 7.50 -29.18
N ALA A 52 4.92 7.85 -28.43
CA ALA A 52 3.66 8.41 -29.01
C ALA A 52 3.57 9.96 -28.94
N ASP A 53 4.61 10.63 -28.42
CA ASP A 53 4.65 12.11 -28.35
C ASP A 53 5.95 12.65 -29.02
N ASP A 54 7.11 12.04 -28.68
CA ASP A 54 8.43 12.46 -29.25
C ASP A 54 9.53 11.40 -28.99
N GLN A 55 9.99 10.71 -30.05
CA GLN A 55 11.09 9.72 -29.99
C GLN A 55 12.37 10.23 -30.74
N THR A 56 12.41 11.53 -31.09
CA THR A 56 13.58 12.14 -31.80
C THR A 56 14.85 12.07 -30.93
N TYR A 57 14.72 12.55 -29.68
CA TYR A 57 15.77 12.40 -28.65
C TYR A 57 15.49 11.12 -27.81
N PRO A 58 16.54 10.30 -27.49
CA PRO A 58 16.35 9.04 -26.72
C PRO A 58 16.01 9.32 -25.22
N PRO A 59 15.02 8.59 -24.61
CA PRO A 59 14.63 8.76 -23.18
C PRO A 59 15.66 8.15 -22.20
N GLU A 60 15.19 7.79 -20.99
CA GLU A 60 16.02 7.08 -19.98
C GLU A 60 16.32 5.60 -20.42
N SER A 61 15.62 5.15 -21.49
CA SER A 61 15.72 3.79 -22.08
C SER A 61 17.20 3.30 -22.29
N PHE A 1 4.17 -9.74 38.09
CA PHE A 1 3.87 -10.44 39.38
C PHE A 1 2.42 -10.21 39.88
N THR A 2 1.88 -8.97 39.73
CA THR A 2 0.53 -8.62 40.23
C THR A 2 -0.57 -8.98 39.20
N LEU A 3 -1.65 -9.61 39.70
CA LEU A 3 -2.85 -9.94 38.89
C LEU A 3 -3.48 -8.69 38.24
N ILE A 4 -3.31 -7.52 38.87
CA ILE A 4 -3.91 -6.25 38.42
C ILE A 4 -3.04 -5.58 37.35
N GLU A 5 -1.71 -5.55 37.59
CA GLU A 5 -0.73 -5.02 36.62
C GLU A 5 -0.80 -5.78 35.28
N LEU A 6 -0.97 -7.12 35.34
CA LEU A 6 -1.07 -7.95 34.12
C LEU A 6 -2.39 -7.69 33.36
N LEU A 7 -3.47 -7.34 34.10
CA LEU A 7 -4.75 -6.89 33.47
C LEU A 7 -4.57 -5.56 32.70
N ILE A 8 -3.74 -4.65 33.23
CA ILE A 8 -3.39 -3.39 32.57
C ILE A 8 -2.52 -3.63 31.31
N VAL A 9 -1.52 -4.53 31.42
CA VAL A 9 -0.67 -4.95 30.30
C VAL A 9 -1.50 -5.59 29.14
N VAL A 10 -2.40 -6.52 29.47
CA VAL A 10 -3.25 -7.19 28.48
C VAL A 10 -4.32 -6.22 27.90
N ALA A 11 -4.68 -5.16 28.68
CA ALA A 11 -5.61 -4.10 28.22
C ALA A 11 -4.96 -3.23 27.11
N ILE A 12 -3.77 -2.66 27.41
CA ILE A 12 -3.05 -1.76 26.49
C ILE A 12 -2.57 -2.51 25.22
N ILE A 13 -1.98 -3.72 25.39
CA ILE A 13 -1.58 -4.59 24.27
C ILE A 13 -2.83 -5.13 23.53
N GLY A 14 -3.95 -5.27 24.28
CA GLY A 14 -5.25 -5.62 23.70
C GLY A 14 -5.75 -4.59 22.69
N ILE A 15 -5.53 -3.29 22.99
CA ILE A 15 -5.86 -2.19 22.08
C ILE A 15 -4.91 -2.19 20.87
N LEU A 16 -3.59 -2.38 21.15
CA LEU A 16 -2.54 -2.41 20.11
C LEU A 16 -2.81 -3.53 19.08
N ALA A 17 -3.27 -4.70 19.55
CA ALA A 17 -3.58 -5.85 18.69
C ALA A 17 -4.88 -5.59 17.89
N ALA A 18 -5.95 -5.20 18.61
CA ALA A 18 -7.28 -4.92 18.03
C ALA A 18 -7.24 -3.86 16.90
N ILE A 19 -6.28 -2.91 16.98
CA ILE A 19 -6.07 -1.92 15.89
C ILE A 19 -5.08 -2.43 14.82
N ALA A 20 -4.06 -3.21 15.23
CA ALA A 20 -2.96 -3.65 14.34
C ALA A 20 -3.44 -4.57 13.24
N ILE A 21 -4.16 -5.65 13.61
CA ILE A 21 -4.60 -6.70 12.66
C ILE A 21 -5.41 -6.11 11.44
N PRO A 22 -6.52 -5.31 11.63
CA PRO A 22 -7.22 -4.67 10.49
C PRO A 22 -6.35 -3.63 9.74
N GLN A 23 -5.61 -2.80 10.52
CA GLN A 23 -4.76 -1.71 9.97
C GLN A 23 -3.63 -2.29 9.08
N PHE A 24 -3.14 -3.48 9.47
CA PHE A 24 -1.98 -4.14 8.83
C PHE A 24 -2.42 -4.93 7.60
N SER A 25 -3.56 -5.64 7.73
CA SER A 25 -4.16 -6.37 6.60
C SER A 25 -4.67 -5.39 5.52
N ALA A 26 -5.05 -4.18 5.96
CA ALA A 26 -5.42 -3.08 5.05
C ALA A 26 -4.18 -2.37 4.49
N TYR A 27 -3.06 -2.36 5.26
CA TYR A 27 -1.82 -1.62 4.90
C TYR A 27 -1.07 -2.32 3.75
N ARG A 28 -0.95 -3.65 3.87
CA ARG A 28 -0.27 -4.51 2.87
C ARG A 28 -1.06 -4.56 1.55
N VAL A 29 -2.39 -4.42 1.66
CA VAL A 29 -3.31 -4.43 0.49
C VAL A 29 -3.35 -3.02 -0.15
N LYS A 30 -3.25 -2.01 0.70
CA LYS A 30 -3.04 -0.61 0.29
C LYS A 30 -1.69 -0.49 -0.45
N ALA A 31 -0.65 -1.15 0.07
CA ALA A 31 0.72 -1.06 -0.50
C ALA A 31 0.77 -1.80 -1.84
N TYR A 32 0.14 -2.98 -1.88
CA TYR A 32 0.06 -3.81 -3.08
C TYR A 32 -0.70 -3.09 -4.19
N ASN A 33 -1.97 -2.79 -3.96
CA ASN A 33 -2.88 -2.19 -4.97
C ASN A 33 -2.50 -0.76 -5.38
N SER A 34 -2.16 0.10 -4.41
CA SER A 34 -1.85 1.54 -4.69
C SER A 34 -0.55 1.68 -5.48
N ALA A 35 0.54 1.05 -4.97
CA ALA A 35 1.85 1.06 -5.65
C ALA A 35 1.77 0.35 -7.01
N ALA A 36 1.06 -0.79 -7.09
CA ALA A 36 0.87 -1.55 -8.36
C ALA A 36 0.20 -0.70 -9.46
N SER A 37 -0.94 -0.07 -9.11
CA SER A 37 -1.73 0.77 -10.04
C SER A 37 -0.94 2.01 -10.50
N SER A 38 -0.15 2.60 -9.58
CA SER A 38 0.65 3.83 -9.87
C SER A 38 1.95 3.50 -10.61
N ASP A 39 2.46 2.27 -10.42
CA ASP A 39 3.55 1.72 -11.26
C ASP A 39 3.05 1.55 -12.69
N LEU A 40 1.90 0.85 -12.84
CA LEU A 40 1.31 0.51 -14.15
C LEU A 40 0.86 1.78 -14.91
N ARG A 41 0.48 2.82 -14.16
CA ARG A 41 0.12 4.14 -14.71
C ARG A 41 1.39 4.91 -15.15
N ASN A 42 2.43 4.87 -14.30
CA ASN A 42 3.73 5.56 -14.56
C ASN A 42 4.52 4.90 -15.73
N LEU A 43 4.42 3.57 -15.87
CA LEU A 43 5.11 2.81 -16.93
C LEU A 43 4.35 2.99 -18.28
N LYS A 44 3.01 3.14 -18.18
CA LYS A 44 2.15 3.32 -19.37
C LYS A 44 2.25 4.78 -19.88
N THR A 45 2.36 5.74 -18.95
CA THR A 45 2.48 7.18 -19.29
C THR A 45 3.85 7.49 -19.92
N ALA A 46 4.86 6.71 -19.49
CA ALA A 46 6.20 6.65 -20.12
C ALA A 46 6.12 6.06 -21.55
N LEU A 47 5.34 4.96 -21.69
CA LEU A 47 5.10 4.29 -22.98
C LEU A 47 4.35 5.22 -23.97
N GLU A 48 3.44 6.06 -23.42
CA GLU A 48 2.74 7.11 -24.19
C GLU A 48 3.74 8.19 -24.65
N SER A 49 4.57 8.66 -23.69
CA SER A 49 5.54 9.75 -23.92
C SER A 49 6.53 9.45 -25.07
N ALA A 50 7.06 8.22 -25.11
CA ALA A 50 8.00 7.76 -26.16
C ALA A 50 7.31 7.53 -27.52
N PHE A 51 6.22 6.73 -27.50
CA PHE A 51 5.55 6.23 -28.72
C PHE A 51 4.79 7.36 -29.45
N ALA A 52 4.24 8.31 -28.66
CA ALA A 52 3.49 9.48 -29.19
C ALA A 52 4.44 10.58 -29.69
N ASP A 53 5.63 10.70 -29.07
CA ASP A 53 6.67 11.69 -29.48
C ASP A 53 7.03 11.56 -30.97
N ASP A 54 7.25 10.32 -31.42
CA ASP A 54 7.57 10.05 -32.84
C ASP A 54 6.36 10.38 -33.75
N GLN A 55 5.17 9.85 -33.39
CA GLN A 55 3.94 9.99 -34.23
C GLN A 55 3.11 11.27 -33.89
N THR A 56 3.74 12.28 -33.24
CA THR A 56 3.10 13.59 -32.90
C THR A 56 2.35 14.20 -34.11
N TYR A 57 2.98 14.11 -35.28
CA TYR A 57 2.38 14.49 -36.58
C TYR A 57 2.26 13.24 -37.50
N PRO A 58 1.06 12.97 -38.10
CA PRO A 58 0.90 11.99 -39.21
C PRO A 58 1.79 12.32 -40.45
N PRO A 59 2.20 11.30 -41.29
CA PRO A 59 2.98 11.55 -42.55
C PRO A 59 2.28 12.51 -43.57
N GLU A 60 2.51 13.83 -43.36
CA GLU A 60 1.94 14.95 -44.15
C GLU A 60 0.42 14.79 -44.44
N SER A 61 -0.39 14.91 -43.38
CA SER A 61 -1.87 14.75 -43.44
C SER A 61 -2.55 15.61 -42.34
N PHE A 1 2.73 -9.76 42.12
CA PHE A 1 1.92 -8.97 41.15
C PHE A 1 0.42 -9.19 41.40
N THR A 2 -0.37 -8.12 41.53
CA THR A 2 -1.84 -8.22 41.56
C THR A 2 -2.39 -8.51 40.16
N LEU A 3 -3.59 -9.13 40.11
CA LEU A 3 -4.31 -9.41 38.85
C LEU A 3 -4.61 -8.11 38.08
N ILE A 4 -4.58 -6.96 38.79
CA ILE A 4 -4.74 -5.62 38.19
C ILE A 4 -3.59 -5.31 37.20
N GLU A 5 -2.32 -5.52 37.66
CA GLU A 5 -1.11 -5.27 36.84
C GLU A 5 -1.12 -6.09 35.54
N LEU A 6 -1.43 -7.38 35.68
CA LEU A 6 -1.45 -8.32 34.55
C LEU A 6 -2.62 -8.03 33.59
N LEU A 7 -3.74 -7.53 34.15
CA LEU A 7 -4.91 -7.06 33.38
C LEU A 7 -4.58 -5.79 32.56
N ILE A 8 -3.75 -4.89 33.13
CA ILE A 8 -3.29 -3.68 32.46
C ILE A 8 -2.33 -4.01 31.30
N VAL A 9 -1.31 -4.85 31.57
CA VAL A 9 -0.32 -5.27 30.56
C VAL A 9 -1.00 -6.01 29.38
N VAL A 10 -1.96 -6.91 29.67
CA VAL A 10 -2.71 -7.63 28.63
C VAL A 10 -3.67 -6.68 27.85
N ALA A 11 -4.19 -5.64 28.55
CA ALA A 11 -5.11 -4.64 27.94
C ALA A 11 -4.37 -3.77 26.90
N ILE A 12 -3.29 -3.08 27.34
CA ILE A 12 -2.50 -2.17 26.49
C ILE A 12 -1.87 -2.90 25.26
N ILE A 13 -1.24 -4.09 25.49
CA ILE A 13 -0.69 -4.95 24.41
C ILE A 13 -1.83 -5.43 23.47
N GLY A 14 -3.02 -5.69 24.08
CA GLY A 14 -4.21 -6.06 23.33
C GLY A 14 -4.68 -4.99 22.35
N ILE A 15 -4.59 -3.70 22.77
CA ILE A 15 -4.94 -2.53 21.92
C ILE A 15 -3.90 -2.36 20.79
N LEU A 16 -2.59 -2.55 21.12
CA LEU A 16 -1.48 -2.44 20.13
C LEU A 16 -1.68 -3.42 18.96
N ALA A 17 -2.15 -4.64 19.27
CA ALA A 17 -2.42 -5.69 18.26
C ALA A 17 -3.74 -5.42 17.51
N ALA A 18 -4.79 -5.14 18.27
CA ALA A 18 -6.17 -4.93 17.75
C ALA A 18 -6.26 -3.75 16.74
N ILE A 19 -5.35 -2.76 16.85
CA ILE A 19 -5.23 -1.70 15.81
C ILE A 19 -4.28 -2.12 14.66
N ALA A 20 -3.20 -2.82 15.01
CA ALA A 20 -2.08 -3.12 14.08
C ALA A 20 -2.51 -4.04 12.94
N ILE A 21 -3.03 -5.23 13.28
CA ILE A 21 -3.36 -6.29 12.30
C ILE A 21 -4.39 -5.81 11.20
N PRO A 22 -5.59 -5.22 11.56
CA PRO A 22 -6.54 -4.69 10.53
C PRO A 22 -5.97 -3.50 9.72
N GLN A 23 -5.21 -2.63 10.40
CA GLN A 23 -4.57 -1.44 9.77
C GLN A 23 -3.52 -1.90 8.74
N PHE A 24 -2.85 -3.00 9.10
CA PHE A 24 -1.75 -3.62 8.31
C PHE A 24 -2.33 -4.39 7.11
N SER A 25 -3.46 -5.09 7.36
CA SER A 25 -4.23 -5.80 6.32
C SER A 25 -4.68 -4.82 5.22
N ALA A 26 -5.34 -3.72 5.65
CA ALA A 26 -5.78 -2.63 4.75
C ALA A 26 -4.60 -1.90 4.07
N TYR A 27 -3.42 -1.89 4.75
CA TYR A 27 -2.21 -1.17 4.27
C TYR A 27 -1.53 -1.92 3.12
N ARG A 28 -1.36 -3.24 3.32
CA ARG A 28 -0.72 -4.13 2.35
C ARG A 28 -1.64 -4.40 1.14
N VAL A 29 -2.96 -4.24 1.35
CA VAL A 29 -3.94 -4.27 0.25
C VAL A 29 -3.77 -3.02 -0.61
N LYS A 30 -3.90 -1.83 -0.02
CA LYS A 30 -3.77 -0.55 -0.77
C LYS A 30 -2.32 -0.32 -1.30
N ALA A 31 -1.34 -1.05 -0.76
CA ALA A 31 0.04 -1.03 -1.30
C ALA A 31 0.08 -1.80 -2.65
N TYR A 32 -0.54 -2.99 -2.64
CA TYR A 32 -0.49 -3.94 -3.79
C TYR A 32 -1.63 -3.69 -4.80
N ASN A 33 -2.57 -2.84 -4.40
CA ASN A 33 -3.65 -2.37 -5.29
C ASN A 33 -3.34 -0.96 -5.80
N SER A 34 -3.17 -0.01 -4.87
CA SER A 34 -3.13 1.44 -5.24
C SER A 34 -1.72 1.86 -5.69
N ALA A 35 -0.69 1.55 -4.87
CA ALA A 35 0.71 1.89 -5.21
C ALA A 35 1.23 1.05 -6.40
N ALA A 36 0.73 -0.20 -6.50
CA ALA A 36 1.06 -1.12 -7.62
C ALA A 36 0.36 -0.65 -8.93
N SER A 37 -0.89 -0.17 -8.83
CA SER A 37 -1.62 0.43 -9.98
C SER A 37 -0.96 1.73 -10.46
N SER A 38 -0.37 2.48 -9.51
CA SER A 38 0.36 3.75 -9.81
C SER A 38 1.78 3.47 -10.32
N ASP A 39 2.32 2.28 -9.99
CA ASP A 39 3.56 1.76 -10.59
C ASP A 39 3.33 1.39 -12.08
N LEU A 40 2.22 0.67 -12.35
CA LEU A 40 1.81 0.29 -13.73
C LEU A 40 1.34 1.52 -14.53
N ARG A 41 0.82 2.54 -13.81
CA ARG A 41 0.46 3.85 -14.39
C ARG A 41 1.74 4.62 -14.76
N ASN A 42 2.76 4.53 -13.88
CA ASN A 42 4.10 5.11 -14.11
C ASN A 42 4.77 4.50 -15.37
N LEU A 43 4.53 3.20 -15.60
CA LEU A 43 5.05 2.47 -16.78
C LEU A 43 4.20 2.77 -18.04
N LYS A 44 2.87 2.91 -17.86
CA LYS A 44 1.94 3.13 -18.99
C LYS A 44 2.15 4.53 -19.58
N THR A 45 2.26 5.52 -18.66
CA THR A 45 2.47 6.94 -19.01
C THR A 45 3.86 7.15 -19.63
N ALA A 46 4.85 6.36 -19.17
CA ALA A 46 6.22 6.38 -19.70
C ALA A 46 6.26 5.94 -21.17
N LEU A 47 5.66 4.77 -21.46
CA LEU A 47 5.60 4.21 -22.82
C LEU A 47 4.73 5.07 -23.78
N GLU A 48 3.53 5.48 -23.33
CA GLU A 48 2.58 6.24 -24.20
C GLU A 48 3.13 7.65 -24.52
N SER A 49 3.87 8.25 -23.56
CA SER A 49 4.54 9.56 -23.75
C SER A 49 5.79 9.41 -24.63
N ALA A 50 6.48 8.25 -24.54
CA ALA A 50 7.72 7.97 -25.31
C ALA A 50 7.40 7.78 -26.81
N PHE A 51 6.34 7.02 -27.07
CA PHE A 51 5.82 6.79 -28.43
C PHE A 51 5.05 8.03 -28.96
N ALA A 52 4.59 8.90 -28.05
CA ALA A 52 4.01 10.22 -28.42
C ALA A 52 5.11 11.17 -28.92
N ASP A 53 6.27 11.14 -28.24
CA ASP A 53 7.47 11.90 -28.64
C ASP A 53 8.03 11.41 -29.99
N ASP A 54 8.23 10.09 -30.10
CA ASP A 54 8.92 9.47 -31.25
C ASP A 54 8.26 8.15 -31.72
N GLN A 55 8.31 7.91 -33.05
CA GLN A 55 7.72 6.72 -33.71
C GLN A 55 8.73 6.06 -34.68
N THR A 56 10.05 6.27 -34.46
CA THR A 56 11.10 5.65 -35.31
C THR A 56 11.72 4.41 -34.62
N TYR A 57 10.96 3.31 -34.62
CA TYR A 57 11.35 2.02 -34.00
C TYR A 57 11.15 0.86 -35.00
N PRO A 58 12.15 0.59 -35.91
CA PRO A 58 12.01 -0.41 -37.00
C PRO A 58 12.12 -1.89 -36.48
N PRO A 59 11.20 -2.82 -36.92
CA PRO A 59 11.25 -4.26 -36.54
C PRO A 59 12.37 -5.02 -37.33
N GLU A 60 13.59 -5.01 -36.75
CA GLU A 60 14.81 -5.53 -37.41
C GLU A 60 14.85 -7.08 -37.49
N SER A 61 14.52 -7.75 -36.37
CA SER A 61 14.49 -9.24 -36.29
C SER A 61 13.04 -9.73 -35.96
N PHE A 1 4.16 -8.52 40.76
CA PHE A 1 3.02 -8.06 39.92
C PHE A 1 1.69 -8.39 40.63
N THR A 2 0.85 -7.36 40.84
CA THR A 2 -0.53 -7.53 41.37
C THR A 2 -1.48 -8.13 40.31
N LEU A 3 -2.70 -8.51 40.73
CA LEU A 3 -3.78 -8.93 39.82
C LEU A 3 -4.16 -7.79 38.87
N ILE A 4 -3.86 -6.55 39.29
CA ILE A 4 -4.17 -5.34 38.53
C ILE A 4 -3.08 -5.08 37.46
N GLU A 5 -1.81 -5.25 37.87
CA GLU A 5 -0.64 -5.17 36.95
C GLU A 5 -0.76 -6.17 35.79
N LEU A 6 -1.20 -7.42 36.11
CA LEU A 6 -1.40 -8.47 35.10
C LEU A 6 -2.63 -8.17 34.21
N LEU A 7 -3.70 -7.61 34.82
CA LEU A 7 -4.92 -7.23 34.08
C LEU A 7 -4.61 -6.15 33.02
N ILE A 8 -3.85 -5.11 33.43
CA ILE A 8 -3.49 -3.98 32.58
C ILE A 8 -2.54 -4.38 31.42
N VAL A 9 -1.44 -5.10 31.72
CA VAL A 9 -0.44 -5.50 30.72
C VAL A 9 -1.05 -6.38 29.60
N VAL A 10 -1.94 -7.32 29.99
CA VAL A 10 -2.69 -8.15 29.05
C VAL A 10 -3.73 -7.32 28.26
N ALA A 11 -4.42 -6.37 28.95
CA ALA A 11 -5.46 -5.52 28.32
C ALA A 11 -4.88 -4.61 27.22
N ILE A 12 -3.80 -3.86 27.56
CA ILE A 12 -3.17 -2.88 26.66
C ILE A 12 -2.60 -3.56 25.39
N ILE A 13 -1.84 -4.68 25.57
CA ILE A 13 -1.27 -5.46 24.45
C ILE A 13 -2.40 -6.08 23.57
N GLY A 14 -3.53 -6.41 24.23
CA GLY A 14 -4.72 -6.89 23.54
C GLY A 14 -5.29 -5.86 22.56
N ILE A 15 -5.29 -4.57 22.97
CA ILE A 15 -5.75 -3.45 22.11
C ILE A 15 -4.74 -3.19 20.98
N LEU A 16 -3.43 -3.20 21.33
CA LEU A 16 -2.32 -2.92 20.37
C LEU A 16 -2.34 -3.90 19.18
N ALA A 17 -2.64 -5.17 19.48
CA ALA A 17 -2.75 -6.23 18.45
C ALA A 17 -4.06 -6.07 17.63
N ALA A 18 -5.18 -5.89 18.36
CA ALA A 18 -6.53 -5.78 17.77
C ALA A 18 -6.71 -4.54 16.86
N ILE A 19 -5.91 -3.48 17.06
CA ILE A 19 -5.90 -2.31 16.15
C ILE A 19 -4.87 -2.50 15.01
N ALA A 20 -3.71 -3.09 15.34
CA ALA A 20 -2.58 -3.25 14.40
C ALA A 20 -2.92 -4.15 13.21
N ILE A 21 -3.53 -5.31 13.49
CA ILE A 21 -3.87 -6.32 12.47
C ILE A 21 -4.79 -5.78 11.33
N PRO A 22 -5.99 -5.16 11.61
CA PRO A 22 -6.80 -4.53 10.54
C PRO A 22 -6.12 -3.30 9.91
N GLN A 23 -5.42 -2.51 10.74
CA GLN A 23 -4.74 -1.26 10.31
C GLN A 23 -3.62 -1.56 9.29
N PHE A 24 -2.95 -2.69 9.52
CA PHE A 24 -1.74 -3.10 8.76
C PHE A 24 -2.12 -4.02 7.58
N SER A 25 -3.12 -4.89 7.79
CA SER A 25 -3.72 -5.71 6.70
C SER A 25 -4.30 -4.78 5.60
N ALA A 26 -5.17 -3.83 6.02
CA ALA A 26 -5.77 -2.81 5.13
C ALA A 26 -4.72 -1.83 4.55
N TYR A 27 -3.61 -1.60 5.30
CA TYR A 27 -2.46 -0.81 4.80
C TYR A 27 -1.82 -1.50 3.59
N ARG A 28 -1.52 -2.80 3.75
CA ARG A 28 -0.92 -3.64 2.71
C ARG A 28 -1.87 -3.83 1.53
N VAL A 29 -3.18 -3.72 1.77
CA VAL A 29 -4.18 -3.76 0.68
C VAL A 29 -4.06 -2.52 -0.19
N LYS A 30 -4.18 -1.34 0.45
CA LYS A 30 -4.15 -0.05 -0.25
C LYS A 30 -2.76 0.25 -0.84
N ALA A 31 -1.69 -0.36 -0.29
CA ALA A 31 -0.30 -0.12 -0.76
C ALA A 31 -0.01 -1.00 -1.98
N TYR A 32 -0.55 -2.22 -1.95
CA TYR A 32 -0.39 -3.23 -3.03
C TYR A 32 -1.31 -2.90 -4.23
N ASN A 33 -2.29 -2.02 -3.99
CA ASN A 33 -3.19 -1.48 -5.03
C ASN A 33 -2.70 -0.12 -5.57
N SER A 34 -2.40 0.82 -4.66
CA SER A 34 -2.08 2.24 -5.04
C SER A 34 -0.70 2.35 -5.74
N ALA A 35 0.33 1.79 -5.08
CA ALA A 35 1.72 1.79 -5.61
C ALA A 35 1.84 0.92 -6.88
N ALA A 36 1.00 -0.15 -6.98
CA ALA A 36 0.91 -1.00 -8.19
C ALA A 36 0.35 -0.19 -9.39
N SER A 37 -0.88 0.34 -9.21
CA SER A 37 -1.58 1.14 -10.24
C SER A 37 -0.72 2.33 -10.72
N SER A 38 -0.01 2.98 -9.79
CA SER A 38 0.82 4.18 -10.09
C SER A 38 2.13 3.82 -10.78
N ASP A 39 2.76 2.71 -10.39
CA ASP A 39 4.01 2.22 -11.02
C ASP A 39 3.77 1.83 -12.49
N LEU A 40 2.68 1.07 -12.71
CA LEU A 40 2.38 0.46 -14.02
C LEU A 40 1.76 1.51 -14.97
N ARG A 41 1.01 2.47 -14.40
CA ARG A 41 0.44 3.60 -15.17
C ARG A 41 1.56 4.59 -15.56
N ASN A 42 2.56 4.75 -14.66
CA ASN A 42 3.80 5.53 -14.96
C ASN A 42 4.59 4.90 -16.13
N LEU A 43 4.64 3.56 -16.17
CA LEU A 43 5.32 2.83 -17.26
C LEU A 43 4.55 2.95 -18.58
N LYS A 44 3.21 3.01 -18.49
CA LYS A 44 2.31 3.07 -19.65
C LYS A 44 2.22 4.50 -20.23
N THR A 45 2.27 5.51 -19.34
CA THR A 45 2.16 6.93 -19.73
C THR A 45 3.47 7.41 -20.41
N ALA A 46 4.60 6.94 -19.86
CA ALA A 46 5.95 7.15 -20.43
C ALA A 46 6.15 6.34 -21.73
N LEU A 47 5.55 5.13 -21.76
CA LEU A 47 5.56 4.26 -22.95
C LEU A 47 4.92 4.98 -24.14
N GLU A 48 3.61 5.33 -24.03
CA GLU A 48 2.81 5.90 -25.14
C GLU A 48 3.39 7.22 -25.67
N SER A 49 4.01 8.00 -24.75
CA SER A 49 4.66 9.27 -25.08
C SER A 49 5.83 9.08 -26.08
N ALA A 50 6.74 8.15 -25.74
CA ALA A 50 7.93 7.84 -26.57
C ALA A 50 7.59 6.94 -27.78
N PHE A 51 6.61 6.03 -27.58
CA PHE A 51 6.16 5.01 -28.56
C PHE A 51 5.54 5.68 -29.78
N ALA A 52 4.88 6.82 -29.55
CA ALA A 52 4.28 7.64 -30.62
C ALA A 52 5.36 8.49 -31.33
N ASP A 53 6.36 8.96 -30.55
CA ASP A 53 7.42 9.87 -31.04
C ASP A 53 8.29 9.26 -32.15
N ASP A 54 8.81 8.03 -31.92
CA ASP A 54 9.72 7.34 -32.89
C ASP A 54 8.99 7.00 -34.22
N GLN A 55 7.67 6.70 -34.11
CA GLN A 55 6.80 6.42 -35.29
C GLN A 55 6.56 7.71 -36.12
N THR A 56 6.25 8.81 -35.42
CA THR A 56 5.97 10.12 -36.06
C THR A 56 7.24 11.00 -36.05
N TYR A 57 8.16 10.67 -36.96
CA TYR A 57 9.48 11.34 -37.09
C TYR A 57 9.48 12.39 -38.25
N PRO A 58 10.36 13.45 -38.19
CA PRO A 58 10.55 14.39 -39.34
C PRO A 58 11.22 13.67 -40.55
N PRO A 59 10.85 14.03 -41.83
CA PRO A 59 11.40 13.38 -43.06
C PRO A 59 12.94 13.48 -43.16
N GLU A 60 13.64 12.37 -42.84
CA GLU A 60 15.12 12.29 -42.83
C GLU A 60 15.66 12.45 -44.27
N SER A 61 16.04 13.68 -44.63
CA SER A 61 16.60 14.02 -45.96
C SER A 61 18.10 13.65 -46.04
N PHE A 1 4.69 -7.16 41.52
CA PHE A 1 4.07 -8.06 40.50
C PHE A 1 2.66 -8.48 40.96
N THR A 2 1.63 -8.01 40.23
CA THR A 2 0.20 -8.36 40.49
C THR A 2 -0.50 -8.80 39.19
N LEU A 3 -1.57 -9.63 39.35
CA LEU A 3 -2.48 -10.01 38.24
C LEU A 3 -3.19 -8.76 37.64
N ILE A 4 -3.23 -7.66 38.43
CA ILE A 4 -3.79 -6.36 38.00
C ILE A 4 -2.87 -5.72 36.93
N GLU A 5 -1.56 -5.69 37.23
CA GLU A 5 -0.53 -5.20 36.28
C GLU A 5 -0.52 -6.01 34.96
N LEU A 6 -0.65 -7.35 35.09
CA LEU A 6 -0.74 -8.27 33.92
C LEU A 6 -2.01 -8.00 33.09
N LEU A 7 -3.12 -7.68 33.78
CA LEU A 7 -4.41 -7.32 33.16
C LEU A 7 -4.26 -6.00 32.35
N ILE A 8 -3.55 -5.01 32.92
CA ILE A 8 -3.32 -3.71 32.28
C ILE A 8 -2.38 -3.86 31.05
N VAL A 9 -1.31 -4.66 31.17
CA VAL A 9 -0.38 -4.94 30.06
C VAL A 9 -1.09 -5.67 28.89
N VAL A 10 -1.89 -6.71 29.19
CA VAL A 10 -2.65 -7.44 28.16
C VAL A 10 -3.80 -6.57 27.56
N ALA A 11 -4.30 -5.58 28.34
CA ALA A 11 -5.37 -4.66 27.89
C ALA A 11 -4.81 -3.61 26.88
N ILE A 12 -3.76 -2.88 27.28
CA ILE A 12 -3.14 -1.84 26.43
C ILE A 12 -2.65 -2.44 25.08
N ILE A 13 -1.84 -3.52 25.14
CA ILE A 13 -1.28 -4.20 23.95
C ILE A 13 -2.41 -4.87 23.13
N GLY A 14 -3.46 -5.36 23.84
CA GLY A 14 -4.63 -5.97 23.21
C GLY A 14 -5.39 -5.00 22.27
N ILE A 15 -5.56 -3.74 22.70
CA ILE A 15 -6.23 -2.70 21.88
C ILE A 15 -5.26 -2.19 20.76
N LEU A 16 -3.94 -2.12 21.07
CA LEU A 16 -2.91 -1.73 20.07
C LEU A 16 -2.87 -2.74 18.91
N ALA A 17 -3.01 -4.03 19.22
CA ALA A 17 -3.06 -5.12 18.22
C ALA A 17 -4.40 -5.13 17.46
N ALA A 18 -5.49 -4.88 18.21
CA ALA A 18 -6.86 -4.82 17.67
C ALA A 18 -7.06 -3.69 16.63
N ILE A 19 -6.22 -2.63 16.70
CA ILE A 19 -6.18 -1.58 15.66
C ILE A 19 -5.07 -1.82 14.63
N ALA A 20 -3.91 -2.32 15.08
CA ALA A 20 -2.69 -2.47 14.22
C ALA A 20 -2.85 -3.52 13.12
N ILE A 21 -3.35 -4.71 13.51
CA ILE A 21 -3.55 -5.86 12.61
C ILE A 21 -4.51 -5.55 11.43
N PRO A 22 -5.77 -5.02 11.63
CA PRO A 22 -6.63 -4.60 10.50
C PRO A 22 -6.07 -3.39 9.73
N GLN A 23 -5.46 -2.42 10.45
CA GLN A 23 -4.93 -1.17 9.86
C GLN A 23 -3.74 -1.49 8.91
N PHE A 24 -2.99 -2.54 9.27
CA PHE A 24 -1.78 -2.98 8.52
C PHE A 24 -2.15 -4.01 7.43
N SER A 25 -3.07 -4.93 7.76
CA SER A 25 -3.64 -5.89 6.78
C SER A 25 -4.29 -5.15 5.60
N ALA A 26 -5.22 -4.24 5.91
CA ALA A 26 -5.88 -3.36 4.89
C ALA A 26 -4.87 -2.42 4.18
N TYR A 27 -3.74 -2.10 4.86
CA TYR A 27 -2.68 -1.24 4.29
C TYR A 27 -1.90 -1.97 3.19
N ARG A 28 -1.43 -3.19 3.50
CA ARG A 28 -0.64 -4.01 2.58
C ARG A 28 -1.49 -4.54 1.41
N VAL A 29 -2.82 -4.58 1.63
CA VAL A 29 -3.79 -4.91 0.58
C VAL A 29 -3.94 -3.74 -0.40
N LYS A 30 -4.22 -2.54 0.15
CA LYS A 30 -4.37 -1.30 -0.66
C LYS A 30 -3.01 -0.81 -1.23
N ALA A 31 -1.88 -1.33 -0.69
CA ALA A 31 -0.54 -1.07 -1.25
C ALA A 31 -0.32 -1.92 -2.51
N TYR A 32 -0.86 -3.15 -2.47
CA TYR A 32 -0.77 -4.13 -3.58
C TYR A 32 -1.85 -3.89 -4.65
N ASN A 33 -2.89 -3.16 -4.26
CA ASN A 33 -3.98 -2.76 -5.17
C ASN A 33 -3.71 -1.39 -5.78
N SER A 34 -3.50 -0.38 -4.92
CA SER A 34 -3.47 1.05 -5.34
C SER A 34 -2.05 1.49 -5.74
N ALA A 35 -1.07 1.24 -4.85
CA ALA A 35 0.35 1.64 -5.08
C ALA A 35 1.02 0.77 -6.18
N ALA A 36 0.51 -0.45 -6.38
CA ALA A 36 0.98 -1.33 -7.48
C ALA A 36 0.34 -0.91 -8.83
N SER A 37 -0.96 -0.50 -8.79
CA SER A 37 -1.66 0.08 -9.97
C SER A 37 -0.99 1.37 -10.47
N SER A 38 -0.61 2.24 -9.51
CA SER A 38 0.01 3.55 -9.79
C SER A 38 1.48 3.42 -10.20
N ASP A 39 2.13 2.34 -9.73
CA ASP A 39 3.47 1.94 -10.22
C ASP A 39 3.40 1.57 -11.73
N LEU A 40 2.42 0.73 -12.10
CA LEU A 40 2.20 0.27 -13.49
C LEU A 40 1.66 1.43 -14.37
N ARG A 41 0.96 2.38 -13.73
CA ARG A 41 0.47 3.61 -14.37
C ARG A 41 1.64 4.57 -14.67
N ASN A 42 2.61 4.61 -13.74
CA ASN A 42 3.87 5.37 -13.89
C ASN A 42 4.74 4.77 -15.03
N LEU A 43 4.75 3.42 -15.12
CA LEU A 43 5.44 2.69 -16.20
C LEU A 43 4.74 2.90 -17.56
N LYS A 44 3.40 3.05 -17.52
CA LYS A 44 2.58 3.26 -18.73
C LYS A 44 2.77 4.69 -19.25
N THR A 45 2.71 5.68 -18.35
CA THR A 45 2.74 7.12 -18.70
C THR A 45 4.10 7.51 -19.35
N ALA A 46 5.15 6.80 -18.90
CA ALA A 46 6.50 6.88 -19.51
C ALA A 46 6.53 6.24 -20.91
N LEU A 47 5.89 5.07 -21.05
CA LEU A 47 5.73 4.33 -22.33
C LEU A 47 4.96 5.20 -23.37
N GLU A 48 3.92 5.92 -22.89
CA GLU A 48 3.09 6.79 -23.76
C GLU A 48 3.92 7.96 -24.30
N SER A 49 4.68 8.62 -23.39
CA SER A 49 5.55 9.77 -23.74
C SER A 49 6.66 9.38 -24.76
N ALA A 50 7.13 8.12 -24.68
CA ALA A 50 8.21 7.60 -25.55
C ALA A 50 7.69 7.25 -26.96
N PHE A 51 6.62 6.43 -26.98
CA PHE A 51 6.10 5.79 -28.22
C PHE A 51 5.11 6.69 -29.00
N ALA A 52 4.62 7.78 -28.37
CA ALA A 52 3.75 8.77 -29.06
C ALA A 52 4.57 9.74 -29.94
N ASP A 53 5.90 9.79 -29.74
CA ASP A 53 6.79 10.67 -30.54
C ASP A 53 7.82 9.82 -31.34
N ASP A 54 8.30 8.71 -30.75
CA ASP A 54 9.34 7.83 -31.37
C ASP A 54 8.87 6.37 -31.53
N GLN A 55 8.86 5.91 -32.79
CA GLN A 55 8.80 4.47 -33.15
C GLN A 55 10.23 3.93 -33.46
N THR A 56 11.25 4.75 -33.10
CA THR A 56 12.70 4.45 -33.31
C THR A 56 13.10 3.09 -32.70
N TYR A 57 12.54 2.78 -31.53
CA TYR A 57 12.65 1.47 -30.88
C TYR A 57 11.29 0.71 -30.99
N PRO A 58 11.07 -0.14 -32.04
CA PRO A 58 9.84 -0.94 -32.15
C PRO A 58 9.90 -2.26 -31.32
N PRO A 59 8.86 -2.59 -30.49
CA PRO A 59 8.78 -3.87 -29.76
C PRO A 59 8.03 -4.97 -30.58
N GLU A 60 8.76 -5.99 -31.05
CA GLU A 60 8.18 -7.11 -31.83
C GLU A 60 7.40 -8.08 -30.92
N SER A 61 6.09 -8.23 -31.19
CA SER A 61 5.18 -9.08 -30.38
C SER A 61 5.28 -10.57 -30.81
N PHE A 1 3.95 -9.81 41.09
CA PHE A 1 2.96 -10.73 40.47
C PHE A 1 1.57 -10.51 41.09
N THR A 2 0.73 -9.65 40.44
CA THR A 2 -0.64 -9.32 40.93
C THR A 2 -1.70 -9.57 39.84
N LEU A 3 -2.92 -9.86 40.29
CA LEU A 3 -4.10 -10.12 39.41
C LEU A 3 -4.54 -8.83 38.67
N ILE A 4 -4.11 -7.67 39.20
CA ILE A 4 -4.52 -6.35 38.69
C ILE A 4 -3.59 -5.88 37.57
N GLU A 5 -2.26 -5.96 37.82
CA GLU A 5 -1.22 -5.64 36.83
C GLU A 5 -1.42 -6.44 35.53
N LEU A 6 -1.66 -7.76 35.66
CA LEU A 6 -1.85 -8.66 34.50
C LEU A 6 -3.12 -8.32 33.70
N LEU A 7 -4.20 -7.91 34.40
CA LEU A 7 -5.45 -7.44 33.77
C LEU A 7 -5.20 -6.21 32.87
N ILE A 8 -4.42 -5.25 33.40
CA ILE A 8 -4.04 -4.02 32.70
C ILE A 8 -3.09 -4.30 31.51
N VAL A 9 -2.13 -5.24 31.70
CA VAL A 9 -1.21 -5.68 30.64
C VAL A 9 -1.97 -6.31 29.44
N VAL A 10 -2.92 -7.23 29.73
CA VAL A 10 -3.79 -7.85 28.70
C VAL A 10 -4.72 -6.80 28.03
N ALA A 11 -5.12 -5.76 28.80
CA ALA A 11 -5.94 -4.64 28.28
C ALA A 11 -5.15 -3.80 27.23
N ILE A 12 -3.98 -3.26 27.65
CA ILE A 12 -3.16 -2.36 26.82
C ILE A 12 -2.58 -3.07 25.57
N ILE A 13 -2.09 -4.32 25.74
CA ILE A 13 -1.63 -5.17 24.62
C ILE A 13 -2.81 -5.55 23.68
N GLY A 14 -4.00 -5.73 24.29
CA GLY A 14 -5.24 -5.96 23.55
C GLY A 14 -5.59 -4.79 22.61
N ILE A 15 -5.32 -3.56 23.08
CA ILE A 15 -5.51 -2.33 22.28
C ILE A 15 -4.46 -2.24 21.16
N LEU A 16 -3.16 -2.46 21.51
CA LEU A 16 -2.02 -2.38 20.56
C LEU A 16 -2.24 -3.30 19.34
N ALA A 17 -2.70 -4.54 19.62
CA ALA A 17 -2.93 -5.56 18.59
C ALA A 17 -4.20 -5.27 17.77
N ALA A 18 -5.30 -4.94 18.47
CA ALA A 18 -6.62 -4.66 17.84
C ALA A 18 -6.60 -3.41 16.91
N ILE A 19 -5.65 -2.48 17.13
CA ILE A 19 -5.45 -1.34 16.20
C ILE A 19 -4.42 -1.68 15.11
N ALA A 20 -3.36 -2.43 15.48
CA ALA A 20 -2.23 -2.76 14.58
C ALA A 20 -2.66 -3.63 13.39
N ILE A 21 -3.39 -4.72 13.67
CA ILE A 21 -3.81 -5.72 12.67
C ILE A 21 -4.60 -5.10 11.49
N PRO A 22 -5.74 -4.35 11.70
CA PRO A 22 -6.45 -3.69 10.57
C PRO A 22 -5.63 -2.56 9.92
N GLN A 23 -4.93 -1.76 10.76
CA GLN A 23 -4.16 -0.58 10.30
C GLN A 23 -3.02 -0.99 9.35
N PHE A 24 -2.41 -2.14 9.66
CA PHE A 24 -1.20 -2.63 8.95
C PHE A 24 -1.55 -3.64 7.84
N SER A 25 -2.61 -4.45 8.04
CA SER A 25 -3.14 -5.32 6.94
C SER A 25 -3.63 -4.45 5.78
N ALA A 26 -4.56 -3.52 6.09
CA ALA A 26 -5.12 -2.55 5.12
C ALA A 26 -4.04 -1.62 4.51
N TYR A 27 -2.95 -1.36 5.28
CA TYR A 27 -1.79 -0.58 4.79
C TYR A 27 -1.09 -1.30 3.64
N ARG A 28 -0.69 -2.55 3.88
CA ARG A 28 0.03 -3.40 2.90
C ARG A 28 -0.87 -3.82 1.73
N VAL A 29 -2.19 -3.83 1.98
CA VAL A 29 -3.20 -4.11 0.93
C VAL A 29 -3.33 -2.92 -0.03
N LYS A 30 -3.41 -1.72 0.53
CA LYS A 30 -3.49 -0.47 -0.25
C LYS A 30 -2.09 -0.05 -0.78
N ALA A 31 -1.00 -0.61 -0.20
CA ALA A 31 0.38 -0.41 -0.68
C ALA A 31 0.67 -1.35 -1.86
N TYR A 32 -0.01 -2.51 -1.86
CA TYR A 32 -0.05 -3.41 -3.02
C TYR A 32 -0.71 -2.68 -4.19
N ASN A 33 -1.92 -2.17 -3.95
CA ASN A 33 -2.69 -1.34 -4.92
C ASN A 33 -1.90 -0.10 -5.39
N SER A 34 -1.24 0.59 -4.43
CA SER A 34 -0.44 1.80 -4.70
C SER A 34 0.74 1.49 -5.63
N ALA A 35 1.70 0.68 -5.14
CA ALA A 35 2.93 0.35 -5.88
C ALA A 35 2.67 -0.47 -7.17
N ALA A 36 1.61 -1.30 -7.19
CA ALA A 36 1.23 -2.08 -8.39
C ALA A 36 0.68 -1.16 -9.51
N SER A 37 -0.41 -0.46 -9.21
CA SER A 37 -1.09 0.44 -10.18
C SER A 37 -0.21 1.66 -10.57
N SER A 38 0.73 2.06 -9.69
CA SER A 38 1.70 3.16 -9.97
C SER A 38 2.81 2.69 -10.91
N ASP A 39 3.27 1.45 -10.72
CA ASP A 39 4.19 0.78 -11.66
C ASP A 39 3.54 0.70 -13.07
N LEU A 40 2.29 0.19 -13.09
CA LEU A 40 1.52 -0.05 -14.33
C LEU A 40 1.22 1.27 -15.06
N ARG A 41 0.90 2.32 -14.27
CA ARG A 41 0.56 3.65 -14.79
C ARG A 41 1.82 4.35 -15.36
N ASN A 42 2.87 4.45 -14.52
CA ASN A 42 4.12 5.18 -14.86
C ASN A 42 4.80 4.65 -16.14
N LEU A 43 4.81 3.31 -16.29
CA LEU A 43 5.42 2.64 -17.47
C LEU A 43 4.56 2.84 -18.73
N LYS A 44 3.24 2.60 -18.59
CA LYS A 44 2.28 2.61 -19.71
C LYS A 44 2.14 4.02 -20.30
N THR A 45 1.98 5.00 -19.40
CA THR A 45 1.68 6.40 -19.75
C THR A 45 2.92 7.09 -20.37
N ALA A 46 4.11 6.69 -19.88
CA ALA A 46 5.40 7.20 -20.41
C ALA A 46 5.64 6.67 -21.84
N LEU A 47 5.35 5.35 -22.06
CA LEU A 47 5.59 4.69 -23.36
C LEU A 47 4.51 5.09 -24.40
N GLU A 48 3.25 5.34 -23.96
CA GLU A 48 2.14 5.69 -24.88
C GLU A 48 2.21 7.17 -25.32
N SER A 49 2.64 8.06 -24.39
CA SER A 49 2.90 9.48 -24.69
C SER A 49 4.14 9.62 -25.61
N ALA A 50 5.12 8.71 -25.40
CA ALA A 50 6.29 8.59 -26.27
C ALA A 50 5.89 8.10 -27.67
N PHE A 51 4.98 7.11 -27.71
CA PHE A 51 4.46 6.52 -28.97
C PHE A 51 3.51 7.51 -29.70
N ALA A 52 2.89 8.41 -28.93
CA ALA A 52 1.97 9.46 -29.48
C ALA A 52 2.77 10.52 -30.28
N ASP A 53 3.96 10.87 -29.78
CA ASP A 53 4.88 11.83 -30.43
C ASP A 53 5.94 11.10 -31.30
N ASP A 54 5.97 9.74 -31.19
CA ASP A 54 6.97 8.82 -31.79
C ASP A 54 8.34 8.87 -31.03
N GLN A 55 8.87 7.67 -30.68
CA GLN A 55 10.07 7.52 -29.79
C GLN A 55 11.40 7.98 -30.43
N THR A 56 11.38 8.42 -31.70
CA THR A 56 12.59 9.00 -32.35
C THR A 56 13.00 10.33 -31.67
N TYR A 57 12.01 11.14 -31.27
CA TYR A 57 12.26 12.40 -30.52
C TYR A 57 12.21 12.14 -28.98
N PRO A 58 13.33 12.43 -28.24
CA PRO A 58 13.32 12.43 -26.75
C PRO A 58 12.83 13.78 -26.14
N PRO A 59 12.15 13.78 -24.93
CA PRO A 59 11.87 15.01 -24.15
C PRO A 59 13.16 15.77 -23.71
N GLU A 60 13.07 17.09 -23.50
CA GLU A 60 14.23 17.94 -23.16
C GLU A 60 14.92 17.50 -21.83
N SER A 61 16.12 16.90 -21.95
CA SER A 61 16.94 16.48 -20.79
C SER A 61 18.44 16.38 -21.20
N PHE A 1 3.98 -9.00 39.30
CA PHE A 1 3.87 -9.31 40.75
C PHE A 1 2.37 -9.44 41.16
N THR A 2 1.60 -8.37 40.92
CA THR A 2 0.15 -8.30 41.24
C THR A 2 -0.72 -8.75 40.05
N LEU A 3 -1.81 -9.48 40.35
CA LEU A 3 -2.78 -9.97 39.34
C LEU A 3 -3.51 -8.80 38.60
N ILE A 4 -3.47 -7.62 39.21
CA ILE A 4 -4.02 -6.36 38.62
C ILE A 4 -3.14 -5.90 37.45
N GLU A 5 -1.80 -6.02 37.61
CA GLU A 5 -0.82 -5.70 36.54
C GLU A 5 -1.13 -6.49 35.25
N LEU A 6 -1.34 -7.82 35.38
CA LEU A 6 -1.65 -8.71 34.24
C LEU A 6 -2.94 -8.27 33.51
N LEU A 7 -3.93 -7.81 34.30
CA LEU A 7 -5.23 -7.34 33.77
C LEU A 7 -5.10 -6.02 32.97
N ILE A 8 -4.16 -5.15 33.40
CA ILE A 8 -3.85 -3.90 32.69
C ILE A 8 -3.06 -4.18 31.40
N VAL A 9 -2.02 -5.05 31.51
CA VAL A 9 -1.17 -5.44 30.38
C VAL A 9 -1.98 -6.15 29.27
N VAL A 10 -2.90 -7.06 29.64
CA VAL A 10 -3.76 -7.75 28.67
C VAL A 10 -4.79 -6.78 28.04
N ALA A 11 -5.23 -5.75 28.82
CA ALA A 11 -6.19 -4.73 28.33
C ALA A 11 -5.55 -3.82 27.26
N ILE A 12 -4.39 -3.22 27.60
CA ILE A 12 -3.66 -2.29 26.72
C ILE A 12 -3.14 -3.01 25.45
N ILE A 13 -2.52 -4.22 25.60
CA ILE A 13 -2.08 -5.07 24.47
C ILE A 13 -3.30 -5.50 23.61
N GLY A 14 -4.46 -5.69 24.28
CA GLY A 14 -5.72 -5.97 23.59
C GLY A 14 -6.12 -4.87 22.59
N ILE A 15 -5.90 -3.60 23.00
CA ILE A 15 -6.12 -2.42 22.16
C ILE A 15 -5.06 -2.31 21.05
N LEU A 16 -3.77 -2.49 21.45
CA LEU A 16 -2.60 -2.36 20.54
C LEU A 16 -2.68 -3.35 19.38
N ALA A 17 -3.17 -4.56 19.66
CA ALA A 17 -3.34 -5.62 18.64
C ALA A 17 -4.58 -5.33 17.76
N ALA A 18 -5.71 -5.02 18.43
CA ALA A 18 -6.99 -4.72 17.77
C ALA A 18 -6.90 -3.56 16.75
N ILE A 19 -5.96 -2.63 16.94
CA ILE A 19 -5.67 -1.57 15.94
C ILE A 19 -4.57 -2.01 14.94
N ALA A 20 -3.54 -2.73 15.44
CA ALA A 20 -2.33 -3.06 14.65
C ALA A 20 -2.62 -3.97 13.45
N ILE A 21 -3.33 -5.08 13.69
CA ILE A 21 -3.58 -6.11 12.66
C ILE A 21 -4.42 -5.58 11.46
N PRO A 22 -5.63 -4.95 11.67
CA PRO A 22 -6.40 -4.33 10.55
C PRO A 22 -5.67 -3.14 9.87
N GLN A 23 -4.93 -2.36 10.68
CA GLN A 23 -4.17 -1.19 10.18
C GLN A 23 -3.03 -1.65 9.25
N PHE A 24 -2.41 -2.77 9.64
CA PHE A 24 -1.23 -3.34 8.92
C PHE A 24 -1.68 -4.11 7.67
N SER A 25 -2.82 -4.83 7.81
CA SER A 25 -3.49 -5.50 6.68
C SER A 25 -3.82 -4.47 5.59
N ALA A 26 -4.61 -3.45 5.98
CA ALA A 26 -5.00 -2.32 5.11
C ALA A 26 -3.78 -1.55 4.55
N TYR A 27 -2.65 -1.53 5.31
CA TYR A 27 -1.42 -0.79 4.92
C TYR A 27 -0.66 -1.50 3.79
N ARG A 28 -0.46 -2.82 3.97
CA ARG A 28 0.28 -3.67 3.00
C ARG A 28 -0.62 -4.03 1.79
N VAL A 29 -1.95 -3.95 1.99
CA VAL A 29 -2.92 -4.11 0.88
C VAL A 29 -2.88 -2.87 -0.02
N LYS A 30 -3.06 -1.68 0.58
CA LYS A 30 -3.01 -0.40 -0.18
C LYS A 30 -1.60 -0.12 -0.75
N ALA A 31 -0.56 -0.78 -0.18
CA ALA A 31 0.80 -0.77 -0.76
C ALA A 31 0.81 -1.55 -2.09
N TYR A 32 0.16 -2.72 -2.05
CA TYR A 32 0.10 -3.67 -3.19
C TYR A 32 -1.01 -3.31 -4.19
N ASN A 33 -1.90 -2.41 -3.80
CA ASN A 33 -2.99 -1.91 -4.66
C ASN A 33 -2.58 -0.57 -5.32
N SER A 34 -2.16 0.39 -4.48
CA SER A 34 -1.93 1.79 -4.94
C SER A 34 -0.58 1.92 -5.68
N ALA A 35 0.51 1.44 -5.07
CA ALA A 35 1.87 1.49 -5.67
C ALA A 35 1.97 0.55 -6.90
N ALA A 36 1.18 -0.55 -6.91
CA ALA A 36 1.11 -1.47 -8.07
C ALA A 36 0.41 -0.80 -9.26
N SER A 37 -0.71 -0.09 -8.98
CA SER A 37 -1.42 0.73 -9.99
C SER A 37 -0.50 1.81 -10.57
N SER A 38 0.22 2.53 -9.67
CA SER A 38 1.14 3.64 -10.04
C SER A 38 2.34 3.14 -10.84
N ASP A 39 2.78 1.91 -10.54
CA ASP A 39 3.80 1.21 -11.34
C ASP A 39 3.33 1.03 -12.79
N LEU A 40 2.11 0.49 -12.95
CA LEU A 40 1.52 0.15 -14.27
C LEU A 40 1.15 1.42 -15.06
N ARG A 41 0.78 2.48 -14.32
CA ARG A 41 0.43 3.80 -14.90
C ARG A 41 1.71 4.57 -15.29
N ASN A 42 2.79 4.37 -14.51
CA ASN A 42 4.13 4.91 -14.83
C ASN A 42 4.67 4.27 -16.12
N LEU A 43 4.42 2.96 -16.28
CA LEU A 43 4.83 2.18 -17.47
C LEU A 43 4.01 2.61 -18.70
N LYS A 44 2.70 2.78 -18.49
CA LYS A 44 1.76 3.09 -19.58
C LYS A 44 2.02 4.50 -20.11
N THR A 45 2.07 5.48 -19.19
CA THR A 45 2.29 6.91 -19.52
C THR A 45 3.65 7.15 -20.22
N ALA A 46 4.65 6.35 -19.82
CA ALA A 46 6.00 6.35 -20.44
C ALA A 46 5.94 5.91 -21.92
N LEU A 47 5.23 4.80 -22.16
CA LEU A 47 4.99 4.27 -23.53
C LEU A 47 4.13 5.23 -24.38
N GLU A 48 3.09 5.84 -23.78
CA GLU A 48 2.16 6.75 -24.50
C GLU A 48 2.90 8.02 -24.95
N SER A 49 3.76 8.57 -24.07
CA SER A 49 4.58 9.77 -24.36
C SER A 49 5.69 9.46 -25.40
N ALA A 50 6.16 8.20 -25.45
CA ALA A 50 7.24 7.77 -26.35
C ALA A 50 6.73 7.64 -27.80
N PHE A 51 5.64 6.85 -27.95
CA PHE A 51 5.06 6.51 -29.27
C PHE A 51 4.22 7.66 -29.86
N ALA A 52 3.78 8.61 -29.01
CA ALA A 52 3.03 9.83 -29.48
C ALA A 52 3.99 10.91 -30.00
N ASP A 53 5.24 10.92 -29.51
CA ASP A 53 6.26 11.88 -29.97
C ASP A 53 6.97 11.34 -31.24
N ASP A 54 7.46 10.09 -31.12
CA ASP A 54 8.11 9.33 -32.21
C ASP A 54 7.58 7.89 -32.23
N GLN A 55 6.68 7.60 -33.19
CA GLN A 55 6.17 6.23 -33.43
C GLN A 55 7.29 5.31 -34.01
N THR A 56 8.33 5.96 -34.59
CA THR A 56 9.54 5.28 -35.11
C THR A 56 10.47 4.78 -33.98
N TYR A 57 10.45 5.46 -32.81
CA TYR A 57 11.35 5.13 -31.67
C TYR A 57 10.69 4.15 -30.65
N PRO A 58 11.52 3.31 -29.92
CA PRO A 58 11.03 2.42 -28.82
C PRO A 58 10.85 3.19 -27.48
N PRO A 59 10.29 2.55 -26.38
CA PRO A 59 10.22 3.18 -25.05
C PRO A 59 11.61 3.26 -24.34
N GLU A 60 11.70 4.10 -23.29
CA GLU A 60 12.96 4.35 -22.53
C GLU A 60 13.30 3.16 -21.60
N SER A 61 12.26 2.43 -21.18
CA SER A 61 12.39 1.24 -20.30
C SER A 61 11.16 0.32 -20.47
N PHE A 1 3.80 -6.19 39.10
CA PHE A 1 3.81 -7.58 39.65
C PHE A 1 2.40 -8.03 40.08
N THR A 2 1.56 -7.10 40.59
CA THR A 2 0.19 -7.40 41.05
C THR A 2 -0.67 -8.05 39.94
N LEU A 3 -1.62 -8.90 40.36
CA LEU A 3 -2.62 -9.53 39.47
C LEU A 3 -3.45 -8.47 38.72
N ILE A 4 -3.51 -7.26 39.30
CA ILE A 4 -4.11 -6.06 38.70
C ILE A 4 -3.29 -5.61 37.47
N GLU A 5 -1.97 -5.42 37.66
CA GLU A 5 -1.03 -5.00 36.59
C GLU A 5 -0.90 -6.06 35.47
N LEU A 6 -1.02 -7.34 35.85
CA LEU A 6 -1.06 -8.47 34.88
C LEU A 6 -2.31 -8.41 34.00
N LEU A 7 -3.47 -8.17 34.65
CA LEU A 7 -4.75 -7.97 33.96
C LEU A 7 -4.69 -6.79 32.96
N ILE A 8 -4.08 -5.67 33.41
CA ILE A 8 -3.91 -4.44 32.61
C ILE A 8 -2.95 -4.63 31.41
N VAL A 9 -1.76 -5.23 31.62
CA VAL A 9 -0.76 -5.42 30.57
C VAL A 9 -1.27 -6.35 29.46
N VAL A 10 -1.97 -7.43 29.84
CA VAL A 10 -2.64 -8.34 28.91
C VAL A 10 -3.80 -7.63 28.18
N ALA A 11 -4.56 -6.77 28.91
CA ALA A 11 -5.71 -6.02 28.34
C ALA A 11 -5.26 -5.01 27.26
N ILE A 12 -4.21 -4.22 27.56
CA ILE A 12 -3.71 -3.18 26.65
C ILE A 12 -3.06 -3.79 25.40
N ILE A 13 -2.29 -4.90 25.56
CA ILE A 13 -1.71 -5.68 24.43
C ILE A 13 -2.84 -6.24 23.53
N GLY A 14 -3.97 -6.60 24.16
CA GLY A 14 -5.18 -7.02 23.44
C GLY A 14 -5.71 -5.94 22.48
N ILE A 15 -5.73 -4.67 22.98
CA ILE A 15 -6.17 -3.51 22.20
C ILE A 15 -5.14 -3.17 21.09
N LEU A 16 -3.83 -3.19 21.43
CA LEU A 16 -2.74 -2.85 20.49
C LEU A 16 -2.78 -3.75 19.25
N ALA A 17 -3.04 -5.05 19.46
CA ALA A 17 -3.14 -6.03 18.37
C ALA A 17 -4.43 -5.81 17.54
N ALA A 18 -5.55 -5.72 18.24
CA ALA A 18 -6.89 -5.56 17.63
C ALA A 18 -7.03 -4.26 16.81
N ILE A 19 -6.19 -3.24 17.08
CA ILE A 19 -6.14 -2.02 16.24
C ILE A 19 -5.05 -2.11 15.16
N ALA A 20 -3.88 -2.69 15.49
CA ALA A 20 -2.69 -2.69 14.61
C ALA A 20 -2.88 -3.56 13.37
N ILE A 21 -3.27 -4.84 13.57
CA ILE A 21 -3.42 -5.81 12.46
C ILE A 21 -4.38 -5.28 11.35
N PRO A 22 -5.66 -4.87 11.62
CA PRO A 22 -6.56 -4.30 10.56
C PRO A 22 -6.04 -2.98 9.94
N GLN A 23 -5.54 -2.08 10.81
CA GLN A 23 -5.07 -0.73 10.43
C GLN A 23 -3.89 -0.80 9.45
N PHE A 24 -2.98 -1.72 9.75
CA PHE A 24 -1.72 -1.89 9.01
C PHE A 24 -1.88 -2.89 7.85
N SER A 25 -2.85 -3.82 7.96
CA SER A 25 -3.23 -4.69 6.82
C SER A 25 -3.80 -3.81 5.71
N ALA A 26 -4.88 -3.08 6.03
CA ALA A 26 -5.54 -2.13 5.11
C ALA A 26 -4.57 -1.06 4.56
N TYR A 27 -3.56 -0.65 5.38
CA TYR A 27 -2.56 0.38 4.99
C TYR A 27 -1.56 -0.16 3.94
N ARG A 28 -0.99 -1.34 4.24
CA ARG A 28 0.05 -1.98 3.40
C ARG A 28 -0.59 -2.74 2.20
N VAL A 29 -1.91 -3.00 2.27
CA VAL A 29 -2.67 -3.63 1.16
C VAL A 29 -3.24 -2.56 0.21
N LYS A 30 -3.60 -1.38 0.74
CA LYS A 30 -3.96 -0.21 -0.11
C LYS A 30 -2.68 0.38 -0.73
N ALA A 31 -1.51 0.14 -0.06
CA ALA A 31 -0.19 0.49 -0.62
C ALA A 31 0.18 -0.47 -1.76
N TYR A 32 -0.22 -1.75 -1.59
CA TYR A 32 -0.12 -2.77 -2.65
C TYR A 32 -0.94 -2.36 -3.87
N ASN A 33 -2.23 -2.11 -3.64
CA ASN A 33 -3.20 -1.64 -4.66
C ASN A 33 -2.74 -0.35 -5.37
N SER A 34 -2.42 0.69 -4.58
CA SER A 34 -2.09 2.05 -5.11
C SER A 34 -0.78 2.05 -5.90
N ALA A 35 0.29 1.52 -5.28
CA ALA A 35 1.63 1.44 -5.91
C ALA A 35 1.61 0.52 -7.14
N ALA A 36 0.94 -0.66 -7.05
CA ALA A 36 0.90 -1.64 -8.17
C ALA A 36 0.14 -1.10 -9.40
N SER A 37 -1.06 -0.54 -9.15
CA SER A 37 -1.92 0.04 -10.21
C SER A 37 -1.25 1.25 -10.89
N SER A 38 -0.74 2.19 -10.08
CA SER A 38 -0.11 3.43 -10.60
C SER A 38 1.27 3.17 -11.21
N ASP A 39 1.96 2.11 -10.77
CA ASP A 39 3.21 1.64 -11.42
C ASP A 39 2.96 1.19 -12.87
N LEU A 40 1.92 0.32 -13.08
CA LEU A 40 1.64 -0.26 -14.42
C LEU A 40 1.04 0.79 -15.38
N ARG A 41 0.46 1.86 -14.80
CA ARG A 41 0.00 3.04 -15.57
C ARG A 41 1.19 3.98 -15.91
N ASN A 42 2.11 4.15 -14.93
CA ASN A 42 3.29 5.05 -15.07
C ASN A 42 4.30 4.53 -16.13
N LEU A 43 4.55 3.20 -16.15
CA LEU A 43 5.46 2.59 -17.15
C LEU A 43 4.79 2.57 -18.54
N LYS A 44 3.45 2.47 -18.55
CA LYS A 44 2.63 2.55 -19.78
C LYS A 44 2.71 3.97 -20.36
N THR A 45 2.67 4.96 -19.45
CA THR A 45 2.54 6.40 -19.82
C THR A 45 3.88 6.97 -20.32
N ALA A 46 4.97 6.43 -19.75
CA ALA A 46 6.35 6.70 -20.21
C ALA A 46 6.56 6.18 -21.65
N LEU A 47 6.11 4.94 -21.91
CA LEU A 47 6.21 4.28 -23.24
C LEU A 47 5.31 4.96 -24.30
N GLU A 48 4.06 5.30 -23.94
CA GLU A 48 3.09 5.87 -24.90
C GLU A 48 3.46 7.32 -25.27
N SER A 49 4.17 8.03 -24.35
CA SER A 49 4.77 9.36 -24.65
C SER A 49 6.02 9.20 -25.56
N ALA A 50 6.72 8.05 -25.44
CA ALA A 50 7.97 7.75 -26.16
C ALA A 50 7.73 7.38 -27.64
N PHE A 51 6.54 6.82 -27.92
CA PHE A 51 6.09 6.45 -29.28
C PHE A 51 5.00 7.41 -29.81
N ALA A 52 4.39 8.19 -28.87
CA ALA A 52 3.34 9.23 -29.16
C ALA A 52 1.95 8.67 -29.59
N ASP A 53 1.90 7.41 -30.04
CA ASP A 53 0.68 6.81 -30.63
C ASP A 53 -0.14 5.99 -29.59
N ASP A 54 0.54 5.47 -28.54
CA ASP A 54 -0.03 4.54 -27.54
C ASP A 54 -0.50 3.20 -28.19
N GLN A 55 0.46 2.34 -28.46
CA GLN A 55 0.22 0.93 -28.89
C GLN A 55 0.62 -0.06 -27.75
N THR A 56 0.86 0.49 -26.54
CA THR A 56 1.19 -0.32 -25.33
C THR A 56 -0.06 -1.12 -24.88
N TYR A 57 -1.12 -0.38 -24.54
CA TYR A 57 -2.46 -0.91 -24.27
C TYR A 57 -3.48 0.12 -24.82
N PRO A 58 -4.14 -0.19 -26.00
CA PRO A 58 -5.22 0.68 -26.59
C PRO A 58 -6.25 1.21 -25.55
N PRO A 59 -6.72 2.52 -25.68
CA PRO A 59 -7.61 3.22 -24.71
C PRO A 59 -8.64 2.34 -23.94
N GLU A 60 -8.23 1.85 -22.75
CA GLU A 60 -9.05 1.01 -21.87
C GLU A 60 -10.15 1.86 -21.19
N SER A 61 -9.71 2.94 -20.50
CA SER A 61 -10.59 3.89 -19.77
C SER A 61 -10.83 5.17 -20.62
N PHE A 1 2.75 -7.87 40.36
CA PHE A 1 2.38 -9.24 40.82
C PHE A 1 0.84 -9.47 40.75
N THR A 2 0.05 -8.42 41.08
CA THR A 2 -1.42 -8.49 41.20
C THR A 2 -2.11 -8.85 39.85
N LEU A 3 -3.22 -9.60 39.94
CA LEU A 3 -4.06 -9.97 38.77
C LEU A 3 -4.59 -8.72 38.03
N ILE A 4 -4.71 -7.60 38.77
CA ILE A 4 -5.11 -6.29 38.21
C ILE A 4 -4.01 -5.75 37.26
N GLU A 5 -2.73 -5.89 37.66
CA GLU A 5 -1.56 -5.51 36.84
C GLU A 5 -1.46 -6.38 35.57
N LEU A 6 -1.82 -7.66 35.72
CA LEU A 6 -1.91 -8.62 34.60
C LEU A 6 -3.09 -8.28 33.67
N LEU A 7 -4.17 -7.75 34.23
CA LEU A 7 -5.32 -7.26 33.47
C LEU A 7 -4.98 -5.97 32.68
N ILE A 8 -4.07 -5.11 33.24
CA ILE A 8 -3.59 -3.89 32.57
C ILE A 8 -2.69 -4.24 31.35
N VAL A 9 -1.69 -5.14 31.55
CA VAL A 9 -0.75 -5.55 30.49
C VAL A 9 -1.48 -6.27 29.33
N VAL A 10 -2.49 -7.09 29.68
CA VAL A 10 -3.38 -7.73 28.69
C VAL A 10 -4.28 -6.68 27.97
N ALA A 11 -4.73 -5.63 28.69
CA ALA A 11 -5.56 -4.55 28.10
C ALA A 11 -4.77 -3.72 27.07
N ILE A 12 -3.62 -3.13 27.50
CA ILE A 12 -2.80 -2.23 26.66
C ILE A 12 -2.31 -2.93 25.39
N ILE A 13 -1.69 -4.14 25.52
CA ILE A 13 -1.14 -4.91 24.38
C ILE A 13 -2.29 -5.46 23.52
N GLY A 14 -3.44 -5.75 24.17
CA GLY A 14 -4.66 -6.17 23.48
C GLY A 14 -5.21 -5.12 22.52
N ILE A 15 -5.04 -3.82 22.86
CA ILE A 15 -5.43 -2.70 21.98
C ILE A 15 -4.35 -2.47 20.90
N LEU A 16 -3.05 -2.49 21.32
CA LEU A 16 -1.90 -2.27 20.39
C LEU A 16 -1.95 -3.26 19.21
N ALA A 17 -2.26 -4.52 19.50
CA ALA A 17 -2.36 -5.58 18.49
C ALA A 17 -3.68 -5.47 17.69
N ALA A 18 -4.82 -5.34 18.39
CA ALA A 18 -6.17 -5.24 17.77
C ALA A 18 -6.29 -4.11 16.73
N ILE A 19 -5.48 -3.04 16.88
CA ILE A 19 -5.40 -1.96 15.87
C ILE A 19 -4.31 -2.24 14.82
N ALA A 20 -3.19 -2.84 15.25
CA ALA A 20 -1.99 -3.03 14.39
C ALA A 20 -2.25 -4.01 13.24
N ILE A 21 -2.88 -5.15 13.56
CA ILE A 21 -3.15 -6.22 12.58
C ILE A 21 -4.02 -5.73 11.38
N PRO A 22 -5.23 -5.09 11.58
CA PRO A 22 -6.00 -4.49 10.45
C PRO A 22 -5.29 -3.27 9.80
N GLN A 23 -4.60 -2.46 10.61
CA GLN A 23 -3.90 -1.22 10.14
C GLN A 23 -2.72 -1.58 9.21
N PHE A 24 -2.12 -2.73 9.47
CA PHE A 24 -0.92 -3.22 8.75
C PHE A 24 -1.32 -4.08 7.53
N SER A 25 -2.36 -4.92 7.72
CA SER A 25 -2.95 -5.73 6.63
C SER A 25 -3.50 -4.81 5.52
N ALA A 26 -4.39 -3.88 5.91
CA ALA A 26 -4.97 -2.86 5.01
C ALA A 26 -3.92 -1.88 4.46
N TYR A 27 -2.78 -1.72 5.16
CA TYR A 27 -1.63 -0.93 4.65
C TYR A 27 -1.01 -1.61 3.43
N ARG A 28 -0.78 -2.93 3.57
CA ARG A 28 -0.19 -3.76 2.50
C ARG A 28 -1.20 -4.00 1.35
N VAL A 29 -2.51 -3.88 1.68
CA VAL A 29 -3.59 -3.95 0.67
C VAL A 29 -3.54 -2.70 -0.22
N LYS A 30 -3.50 -1.52 0.41
CA LYS A 30 -3.44 -0.22 -0.31
C LYS A 30 -2.02 0.05 -0.88
N ALA A 31 -1.01 -0.71 -0.42
CA ALA A 31 0.35 -0.66 -1.00
C ALA A 31 0.36 -1.36 -2.37
N TYR A 32 -0.36 -2.49 -2.43
CA TYR A 32 -0.46 -3.32 -3.66
C TYR A 32 -1.58 -2.83 -4.57
N ASN A 33 -2.49 -2.05 -4.01
CA ASN A 33 -3.58 -1.39 -4.75
C ASN A 33 -3.08 -0.07 -5.34
N SER A 34 -2.70 0.85 -4.45
CA SER A 34 -2.47 2.27 -4.82
C SER A 34 -1.09 2.47 -5.46
N ALA A 35 -0.02 1.98 -4.79
CA ALA A 35 1.36 2.14 -5.28
C ALA A 35 1.62 1.28 -6.53
N ALA A 36 1.06 0.05 -6.56
CA ALA A 36 1.26 -0.87 -7.71
C ALA A 36 0.53 -0.36 -8.98
N SER A 37 -0.71 0.15 -8.81
CA SER A 37 -1.46 0.82 -9.90
C SER A 37 -0.79 2.15 -10.33
N SER A 38 -0.09 2.82 -9.39
CA SER A 38 0.66 4.07 -9.70
C SER A 38 1.91 3.77 -10.52
N ASP A 39 2.57 2.65 -10.20
CA ASP A 39 3.67 2.09 -11.02
C ASP A 39 3.16 1.69 -12.42
N LEU A 40 2.05 0.94 -12.48
CA LEU A 40 1.51 0.42 -13.77
C LEU A 40 1.02 1.56 -14.67
N ARG A 41 0.50 2.63 -14.03
CA ARG A 41 0.02 3.83 -14.72
C ARG A 41 1.21 4.64 -15.25
N ASN A 42 2.21 4.86 -14.36
CA ASN A 42 3.44 5.61 -14.68
C ASN A 42 4.28 4.94 -15.80
N LEU A 43 4.26 3.58 -15.85
CA LEU A 43 5.01 2.80 -16.86
C LEU A 43 4.24 2.78 -18.20
N LYS A 44 2.90 2.70 -18.14
CA LYS A 44 2.04 2.58 -19.33
C LYS A 44 1.97 3.94 -20.04
N THR A 45 1.80 5.02 -19.25
CA THR A 45 1.75 6.40 -19.77
C THR A 45 3.11 6.83 -20.38
N ALA A 46 4.19 6.25 -19.80
CA ALA A 46 5.56 6.41 -20.32
C ALA A 46 5.75 5.68 -21.67
N LEU A 47 5.02 4.54 -21.85
CA LEU A 47 4.96 3.84 -23.16
C LEU A 47 4.19 4.71 -24.19
N GLU A 48 2.99 5.20 -23.82
CA GLU A 48 2.14 6.04 -24.71
C GLU A 48 2.88 7.33 -25.12
N SER A 49 3.67 7.85 -24.18
CA SER A 49 4.53 9.03 -24.40
C SER A 49 5.66 8.69 -25.40
N ALA A 50 6.48 7.67 -25.04
CA ALA A 50 7.72 7.31 -25.79
C ALA A 50 7.43 6.90 -27.23
N PHE A 51 6.32 6.18 -27.40
CA PHE A 51 5.87 5.72 -28.71
C PHE A 51 5.35 6.90 -29.55
N ALA A 52 4.71 7.89 -28.89
CA ALA A 52 4.10 9.04 -29.59
C ALA A 52 5.14 10.05 -30.07
N ASP A 53 6.01 10.50 -29.15
CA ASP A 53 6.96 11.60 -29.43
C ASP A 53 8.23 11.15 -30.18
N ASP A 54 8.75 9.96 -29.85
CA ASP A 54 9.99 9.41 -30.48
C ASP A 54 9.68 8.81 -31.88
N GLN A 55 9.04 7.63 -31.92
CA GLN A 55 8.80 6.88 -33.18
C GLN A 55 7.51 7.34 -33.93
N THR A 56 6.84 8.39 -33.41
CA THR A 56 5.70 9.08 -34.08
C THR A 56 4.45 8.14 -34.24
N TYR A 57 4.33 7.18 -33.30
CA TYR A 57 3.13 6.31 -33.16
C TYR A 57 2.25 6.78 -31.95
N PRO A 58 1.23 7.67 -32.17
CA PRO A 58 0.28 8.07 -31.10
C PRO A 58 -0.91 7.06 -30.96
N PRO A 59 -1.34 6.74 -29.70
CA PRO A 59 -2.47 5.80 -29.44
C PRO A 59 -3.83 6.36 -29.96
N GLU A 60 -4.21 5.97 -31.21
CA GLU A 60 -5.50 6.32 -31.85
C GLU A 60 -5.77 7.86 -31.93
N SER A 61 -4.68 8.67 -31.98
CA SER A 61 -4.78 10.17 -31.92
C SER A 61 -3.80 10.84 -32.93
N PHE A 1 2.79 -8.83 40.81
CA PHE A 1 2.13 -10.11 41.21
C PHE A 1 0.63 -9.90 41.52
N THR A 2 0.02 -8.85 40.95
CA THR A 2 -1.41 -8.50 41.18
C THR A 2 -2.22 -8.62 39.87
N LEU A 3 -3.48 -9.10 39.99
CA LEU A 3 -4.44 -9.24 38.88
C LEU A 3 -4.78 -7.87 38.27
N ILE A 4 -4.52 -6.79 39.03
CA ILE A 4 -4.68 -5.40 38.56
C ILE A 4 -3.71 -5.10 37.40
N GLU A 5 -2.41 -5.34 37.63
CA GLU A 5 -1.36 -5.14 36.61
C GLU A 5 -1.49 -6.14 35.44
N LEU A 6 -2.02 -7.34 35.72
CA LEU A 6 -2.32 -8.34 34.68
C LEU A 6 -3.48 -7.88 33.76
N LEU A 7 -4.51 -7.28 34.38
CA LEU A 7 -5.66 -6.70 33.66
C LEU A 7 -5.19 -5.56 32.72
N ILE A 8 -4.39 -4.63 33.28
CA ILE A 8 -3.86 -3.46 32.57
C ILE A 8 -2.90 -3.85 31.42
N VAL A 9 -1.95 -4.78 31.67
CA VAL A 9 -0.96 -5.21 30.67
C VAL A 9 -1.65 -5.93 29.48
N VAL A 10 -2.68 -6.75 29.79
CA VAL A 10 -3.53 -7.39 28.77
C VAL A 10 -4.38 -6.35 28.00
N ALA A 11 -4.86 -5.30 28.71
CA ALA A 11 -5.69 -4.24 28.11
C ALA A 11 -4.90 -3.40 27.07
N ILE A 12 -3.71 -2.91 27.49
CA ILE A 12 -2.85 -2.03 26.65
C ILE A 12 -2.27 -2.80 25.44
N ILE A 13 -1.76 -4.04 25.66
CA ILE A 13 -1.28 -4.93 24.58
C ILE A 13 -2.46 -5.33 23.65
N GLY A 14 -3.66 -5.45 24.25
CA GLY A 14 -4.89 -5.72 23.52
C GLY A 14 -5.23 -4.63 22.50
N ILE A 15 -4.96 -3.36 22.87
CA ILE A 15 -5.13 -2.19 21.98
C ILE A 15 -4.07 -2.18 20.86
N LEU A 16 -2.81 -2.50 21.24
CA LEU A 16 -1.67 -2.55 20.30
C LEU A 16 -1.90 -3.60 19.20
N ALA A 17 -2.48 -4.75 19.58
CA ALA A 17 -2.85 -5.83 18.63
C ALA A 17 -4.10 -5.43 17.79
N ALA A 18 -5.14 -4.94 18.48
CA ALA A 18 -6.43 -4.52 17.88
C ALA A 18 -6.26 -3.42 16.79
N ILE A 19 -5.16 -2.65 16.85
CA ILE A 19 -4.80 -1.68 15.78
C ILE A 19 -3.83 -2.29 14.75
N ALA A 20 -2.90 -3.15 15.22
CA ALA A 20 -1.80 -3.69 14.38
C ALA A 20 -2.30 -4.61 13.27
N ILE A 21 -3.21 -5.55 13.62
CA ILE A 21 -3.75 -6.55 12.67
C ILE A 21 -4.52 -5.90 11.47
N PRO A 22 -5.56 -5.01 11.70
CA PRO A 22 -6.24 -4.29 10.58
C PRO A 22 -5.33 -3.31 9.81
N GLN A 23 -4.42 -2.64 10.55
CA GLN A 23 -3.48 -1.63 9.97
C GLN A 23 -2.51 -2.30 9.00
N PHE A 24 -2.07 -3.51 9.38
CA PHE A 24 -1.06 -4.28 8.61
C PHE A 24 -1.72 -5.03 7.44
N SER A 25 -2.97 -5.48 7.67
CA SER A 25 -3.84 -6.00 6.59
C SER A 25 -3.95 -4.96 5.46
N ALA A 26 -4.45 -3.76 5.82
CA ALA A 26 -4.63 -2.62 4.89
C ALA A 26 -3.28 -2.08 4.35
N TYR A 27 -2.17 -2.35 5.06
CA TYR A 27 -0.81 -1.98 4.60
C TYR A 27 -0.36 -2.88 3.43
N ARG A 28 -0.59 -4.21 3.58
CA ARG A 28 -0.31 -5.21 2.53
C ARG A 28 -1.29 -5.05 1.35
N VAL A 29 -2.47 -4.50 1.65
CA VAL A 29 -3.46 -4.13 0.60
C VAL A 29 -2.93 -2.92 -0.20
N LYS A 30 -2.45 -1.90 0.51
CA LYS A 30 -1.81 -0.70 -0.11
C LYS A 30 -0.48 -1.04 -0.81
N ALA A 31 0.16 -2.16 -0.42
CA ALA A 31 1.34 -2.66 -1.16
C ALA A 31 0.91 -3.13 -2.56
N TYR A 32 -0.10 -4.02 -2.58
CA TYR A 32 -0.59 -4.63 -3.81
C TYR A 32 -1.32 -3.60 -4.69
N ASN A 33 -2.43 -3.09 -4.17
CA ASN A 33 -3.32 -2.12 -4.84
C ASN A 33 -2.61 -0.83 -5.30
N SER A 34 -1.95 -0.14 -4.36
CA SER A 34 -1.39 1.22 -4.62
C SER A 34 -0.14 1.17 -5.51
N ALA A 35 0.78 0.22 -5.23
CA ALA A 35 1.99 0.05 -6.07
C ALA A 35 1.62 -0.51 -7.46
N ALA A 36 0.53 -1.31 -7.54
CA ALA A 36 -0.05 -1.74 -8.85
C ALA A 36 -0.60 -0.53 -9.66
N SER A 37 -1.38 0.34 -8.99
CA SER A 37 -2.00 1.54 -9.62
C SER A 37 -0.92 2.54 -10.11
N SER A 38 0.12 2.74 -9.29
CA SER A 38 1.22 3.67 -9.60
C SER A 38 2.21 3.08 -10.60
N ASP A 39 2.30 1.73 -10.64
CA ASP A 39 3.01 1.00 -11.71
C ASP A 39 2.36 1.27 -13.07
N LEU A 40 1.03 1.07 -13.12
CA LEU A 40 0.23 1.25 -14.35
C LEU A 40 0.24 2.71 -14.82
N ARG A 41 0.23 3.64 -13.84
CA ARG A 41 0.32 5.08 -14.09
C ARG A 41 1.71 5.45 -14.67
N ASN A 42 2.76 4.88 -14.05
CA ASN A 42 4.17 5.09 -14.45
C ASN A 42 4.47 4.50 -15.85
N LEU A 43 3.83 3.36 -16.18
CA LEU A 43 3.96 2.70 -17.50
C LEU A 43 3.22 3.52 -18.57
N LYS A 44 2.07 4.07 -18.19
CA LYS A 44 1.18 4.76 -19.12
C LYS A 44 1.78 6.12 -19.52
N THR A 45 2.35 6.81 -18.52
CA THR A 45 2.92 8.16 -18.72
C THR A 45 4.26 8.11 -19.48
N ALA A 46 5.02 7.03 -19.26
CA ALA A 46 6.34 6.81 -19.92
C ALA A 46 6.18 6.29 -21.36
N LEU A 47 5.55 5.10 -21.51
CA LEU A 47 5.40 4.42 -22.82
C LEU A 47 4.53 5.23 -23.79
N GLU A 48 3.39 5.77 -23.33
CA GLU A 48 2.47 6.52 -24.23
C GLU A 48 3.03 7.90 -24.60
N SER A 49 4.03 8.39 -23.84
CA SER A 49 4.80 9.59 -24.23
C SER A 49 5.72 9.26 -25.44
N ALA A 50 6.26 8.02 -25.44
CA ALA A 50 7.13 7.51 -26.52
C ALA A 50 6.34 7.28 -27.82
N PHE A 51 5.12 6.75 -27.68
CA PHE A 51 4.20 6.54 -28.81
C PHE A 51 3.65 7.89 -29.32
N ALA A 52 3.31 8.79 -28.38
CA ALA A 52 2.75 10.14 -28.71
C ALA A 52 3.85 11.13 -29.18
N ASP A 53 5.11 10.65 -29.23
CA ASP A 53 6.22 11.40 -29.86
C ASP A 53 6.04 11.44 -31.40
N ASP A 54 5.75 10.26 -31.99
CA ASP A 54 5.61 10.09 -33.46
C ASP A 54 4.17 10.39 -33.95
N GLN A 55 3.20 9.59 -33.46
CA GLN A 55 1.78 9.69 -33.89
C GLN A 55 1.07 10.93 -33.32
N THR A 56 1.67 11.53 -32.25
CA THR A 56 1.14 12.71 -31.50
C THR A 56 -0.02 12.33 -30.54
N TYR A 57 -0.97 11.52 -31.04
CA TYR A 57 -2.15 11.05 -30.29
C TYR A 57 -1.78 10.08 -29.12
N PRO A 58 -2.10 10.45 -27.84
CA PRO A 58 -2.14 9.48 -26.71
C PRO A 58 -3.57 8.85 -26.57
N PRO A 59 -3.77 7.77 -25.75
CA PRO A 59 -5.12 7.13 -25.57
C PRO A 59 -6.19 7.99 -24.83
N GLU A 60 -5.94 9.31 -24.70
CA GLU A 60 -6.79 10.29 -23.98
C GLU A 60 -6.85 9.96 -22.46
N SER A 61 -7.63 8.93 -22.08
CA SER A 61 -7.66 8.41 -20.69
C SER A 61 -6.62 7.25 -20.52
N PHE A 1 3.61 -7.53 40.96
CA PHE A 1 3.18 -8.30 42.16
C PHE A 1 1.67 -8.61 42.12
N THR A 2 0.86 -7.75 41.44
CA THR A 2 -0.62 -7.89 41.42
C THR A 2 -1.14 -8.24 40.02
N LEU A 3 -2.26 -8.98 39.99
CA LEU A 3 -2.98 -9.35 38.75
C LEU A 3 -3.64 -8.12 38.10
N ILE A 4 -3.81 -7.03 38.89
CA ILE A 4 -4.37 -5.75 38.39
C ILE A 4 -3.42 -5.12 37.33
N GLU A 5 -2.13 -4.99 37.69
CA GLU A 5 -1.09 -4.45 36.79
C GLU A 5 -0.90 -5.34 35.55
N LEU A 6 -0.92 -6.67 35.73
CA LEU A 6 -0.89 -7.66 34.62
C LEU A 6 -2.12 -7.53 33.70
N LEU A 7 -3.29 -7.25 34.31
CA LEU A 7 -4.56 -7.06 33.59
C LEU A 7 -4.52 -5.82 32.66
N ILE A 8 -3.93 -4.73 33.17
CA ILE A 8 -3.77 -3.48 32.43
C ILE A 8 -2.75 -3.63 31.28
N VAL A 9 -1.61 -4.30 31.55
CA VAL A 9 -0.59 -4.59 30.52
C VAL A 9 -1.17 -5.50 29.39
N VAL A 10 -1.87 -6.59 29.76
CA VAL A 10 -2.48 -7.52 28.80
C VAL A 10 -3.65 -6.86 28.02
N ALA A 11 -4.34 -5.87 28.65
CA ALA A 11 -5.45 -5.12 28.00
C ALA A 11 -4.91 -4.17 26.93
N ILE A 12 -3.94 -3.31 27.31
CA ILE A 12 -3.37 -2.28 26.40
C ILE A 12 -2.63 -2.91 25.20
N ILE A 13 -1.85 -3.99 25.44
CA ILE A 13 -1.18 -4.78 24.39
C ILE A 13 -2.25 -5.51 23.52
N GLY A 14 -3.37 -5.90 24.17
CA GLY A 14 -4.54 -6.46 23.47
C GLY A 14 -5.20 -5.45 22.51
N ILE A 15 -5.16 -4.14 22.87
CA ILE A 15 -5.66 -3.05 22.00
C ILE A 15 -4.69 -2.85 20.82
N LEU A 16 -3.37 -2.83 21.14
CA LEU A 16 -2.28 -2.64 20.15
C LEU A 16 -2.30 -3.75 19.07
N ALA A 17 -2.65 -4.97 19.49
CA ALA A 17 -2.83 -6.12 18.57
C ALA A 17 -4.11 -5.94 17.72
N ALA A 18 -5.23 -5.67 18.41
CA ALA A 18 -6.57 -5.54 17.80
C ALA A 18 -6.67 -4.38 16.78
N ILE A 19 -5.80 -3.37 16.90
CA ILE A 19 -5.71 -2.27 15.90
C ILE A 19 -4.67 -2.56 14.80
N ALA A 20 -3.54 -3.17 15.17
CA ALA A 20 -2.40 -3.40 14.26
C ALA A 20 -2.72 -4.42 13.16
N ILE A 21 -3.37 -5.51 13.54
CA ILE A 21 -3.71 -6.64 12.62
C ILE A 21 -4.64 -6.20 11.44
N PRO A 22 -5.83 -5.54 11.67
CA PRO A 22 -6.64 -5.01 10.53
C PRO A 22 -5.96 -3.84 9.79
N GLN A 23 -5.22 -2.99 10.55
CA GLN A 23 -4.55 -1.79 9.98
C GLN A 23 -3.38 -2.19 9.07
N PHE A 24 -2.74 -3.32 9.39
CA PHE A 24 -1.54 -3.81 8.66
C PHE A 24 -1.93 -4.83 7.58
N SER A 25 -3.02 -5.58 7.82
CA SER A 25 -3.70 -6.37 6.75
C SER A 25 -4.13 -5.43 5.61
N ALA A 26 -4.93 -4.40 5.96
CA ALA A 26 -5.42 -3.36 5.02
C ALA A 26 -4.28 -2.45 4.49
N TYR A 27 -3.11 -2.45 5.17
CA TYR A 27 -1.88 -1.78 4.68
C TYR A 27 -1.35 -2.50 3.43
N ARG A 28 -1.28 -3.84 3.51
CA ARG A 28 -0.84 -4.70 2.39
C ARG A 28 -1.92 -4.72 1.27
N VAL A 29 -3.18 -4.55 1.68
CA VAL A 29 -4.31 -4.50 0.71
C VAL A 29 -4.23 -3.22 -0.14
N LYS A 30 -4.14 -2.07 0.54
CA LYS A 30 -3.99 -0.75 -0.12
C LYS A 30 -2.60 -0.62 -0.79
N ALA A 31 -1.60 -1.42 -0.34
CA ALA A 31 -0.27 -1.48 -1.00
C ALA A 31 -0.40 -2.13 -2.38
N TYR A 32 -1.24 -3.18 -2.45
CA TYR A 32 -1.48 -3.94 -3.68
C TYR A 32 -2.19 -3.10 -4.75
N ASN A 33 -3.19 -2.35 -4.32
CA ASN A 33 -4.06 -1.55 -5.21
C ASN A 33 -3.45 -0.17 -5.53
N SER A 34 -2.92 0.54 -4.52
CA SER A 34 -2.48 1.95 -4.68
C SER A 34 -1.12 2.03 -5.38
N ALA A 35 -0.14 1.21 -4.93
CA ALA A 35 1.18 1.10 -5.58
C ALA A 35 1.05 0.59 -7.02
N ALA A 36 0.08 -0.33 -7.27
CA ALA A 36 -0.22 -0.83 -8.63
C ALA A 36 -0.72 0.29 -9.56
N SER A 37 -1.72 1.08 -9.08
CA SER A 37 -2.31 2.19 -9.88
C SER A 37 -1.25 3.23 -10.33
N SER A 38 -0.28 3.52 -9.45
CA SER A 38 0.79 4.52 -9.69
C SER A 38 1.99 3.94 -10.43
N ASP A 39 2.29 2.65 -10.21
CA ASP A 39 3.37 1.96 -10.94
C ASP A 39 2.99 1.75 -12.42
N LEU A 40 1.74 1.32 -12.64
CA LEU A 40 1.22 1.04 -13.99
C LEU A 40 0.99 2.35 -14.76
N ARG A 41 0.72 3.44 -14.00
CA ARG A 41 0.61 4.80 -14.54
C ARG A 41 2.00 5.33 -14.96
N ASN A 42 3.00 5.08 -14.09
CA ASN A 42 4.41 5.46 -14.33
C ASN A 42 5.00 4.74 -15.59
N LEU A 43 4.71 3.45 -15.70
CA LEU A 43 5.20 2.61 -16.83
C LEU A 43 4.43 2.91 -18.12
N LYS A 44 3.13 3.26 -17.99
CA LYS A 44 2.27 3.58 -19.15
C LYS A 44 2.69 4.94 -19.74
N THR A 45 2.84 5.94 -18.86
CA THR A 45 3.16 7.33 -19.28
C THR A 45 4.52 7.39 -20.00
N ALA A 46 5.47 6.57 -19.54
CA ALA A 46 6.80 6.42 -20.16
C ALA A 46 6.70 5.85 -21.59
N LEU A 47 5.95 4.73 -21.73
CA LEU A 47 5.76 4.04 -23.03
C LEU A 47 4.94 4.87 -24.05
N GLU A 48 3.87 5.53 -23.56
CA GLU A 48 2.96 6.34 -24.41
C GLU A 48 3.69 7.59 -24.93
N SER A 49 4.42 8.28 -24.03
CA SER A 49 5.18 9.50 -24.38
C SER A 49 6.34 9.19 -25.35
N ALA A 50 7.00 8.02 -25.15
CA ALA A 50 8.13 7.57 -26.02
C ALA A 50 7.66 7.22 -27.45
N PHE A 51 6.60 6.40 -27.53
CA PHE A 51 6.06 5.90 -28.83
C PHE A 51 5.32 7.01 -29.61
N ALA A 52 4.76 7.99 -28.86
CA ALA A 52 4.05 9.15 -29.45
C ALA A 52 4.99 10.35 -29.68
N ASP A 53 6.22 10.29 -29.12
CA ASP A 53 7.26 11.33 -29.32
C ASP A 53 7.65 11.40 -30.81
N ASP A 54 7.96 10.22 -31.38
CA ASP A 54 8.24 10.06 -32.81
C ASP A 54 7.52 8.78 -33.33
N GLN A 55 6.36 8.99 -33.99
CA GLN A 55 5.50 7.91 -34.53
C GLN A 55 5.26 8.14 -36.06
N THR A 56 6.20 8.87 -36.69
CA THR A 56 6.11 9.28 -38.11
C THR A 56 6.52 8.16 -39.10
N TYR A 57 7.00 7.02 -38.56
CA TYR A 57 7.42 5.86 -39.37
C TYR A 57 6.18 5.24 -40.12
N PRO A 58 6.28 4.96 -41.45
CA PRO A 58 5.21 4.23 -42.21
C PRO A 58 5.06 2.74 -41.76
N PRO A 59 3.94 2.03 -42.17
CA PRO A 59 3.76 0.57 -41.89
C PRO A 59 4.83 -0.36 -42.55
N GLU A 60 5.77 0.22 -43.33
CA GLU A 60 6.95 -0.49 -43.94
C GLU A 60 6.51 -1.56 -44.95
N SER A 61 5.50 -1.21 -45.79
CA SER A 61 4.92 -2.05 -46.88
C SER A 61 4.19 -3.31 -46.32
N PHE A 1 4.16 -9.64 39.22
CA PHE A 1 4.18 -9.28 40.66
C PHE A 1 2.74 -9.26 41.24
N THR A 2 1.90 -8.32 40.73
CA THR A 2 0.51 -8.14 41.17
C THR A 2 -0.49 -8.63 40.10
N LEU A 3 -1.52 -9.39 40.53
CA LEU A 3 -2.59 -9.94 39.66
C LEU A 3 -3.41 -8.84 38.94
N ILE A 4 -3.32 -7.61 39.45
CA ILE A 4 -4.02 -6.44 38.88
C ILE A 4 -3.19 -5.80 37.77
N GLU A 5 -1.88 -5.64 38.03
CA GLU A 5 -0.93 -5.04 37.06
C GLU A 5 -0.78 -5.90 35.78
N LEU A 6 -0.88 -7.24 35.95
CA LEU A 6 -0.89 -8.17 34.80
C LEU A 6 -2.20 -8.06 33.99
N LEU A 7 -3.31 -7.78 34.69
CA LEU A 7 -4.63 -7.58 34.07
C LEU A 7 -4.65 -6.25 33.24
N ILE A 8 -3.97 -5.21 33.73
CA ILE A 8 -3.89 -3.91 33.05
C ILE A 8 -3.01 -3.98 31.77
N VAL A 9 -1.80 -4.57 31.88
CA VAL A 9 -0.88 -4.69 30.75
C VAL A 9 -1.45 -5.61 29.64
N VAL A 10 -2.11 -6.71 30.04
CA VAL A 10 -2.78 -7.62 29.09
C VAL A 10 -4.00 -6.93 28.41
N ALA A 11 -4.66 -5.97 29.12
CA ALA A 11 -5.80 -5.20 28.57
C ALA A 11 -5.34 -4.22 27.46
N ILE A 12 -4.33 -3.38 27.76
CA ILE A 12 -3.80 -2.38 26.81
C ILE A 12 -3.20 -3.06 25.56
N ILE A 13 -2.45 -4.18 25.77
CA ILE A 13 -1.89 -5.03 24.68
C ILE A 13 -3.02 -5.65 23.83
N GLY A 14 -4.15 -6.01 24.49
CA GLY A 14 -5.36 -6.51 23.82
C GLY A 14 -5.92 -5.54 22.79
N ILE A 15 -5.85 -4.22 23.10
CA ILE A 15 -6.26 -3.15 22.19
C ILE A 15 -5.21 -2.95 21.09
N LEU A 16 -3.90 -2.97 21.46
CA LEU A 16 -2.78 -2.71 20.52
C LEU A 16 -2.76 -3.74 19.37
N ALA A 17 -3.11 -4.99 19.67
CA ALA A 17 -3.24 -6.05 18.65
C ALA A 17 -4.52 -5.83 17.81
N ALA A 18 -5.67 -5.69 18.52
CA ALA A 18 -7.01 -5.51 17.89
C ALA A 18 -7.06 -4.34 16.88
N ILE A 19 -6.25 -3.29 17.09
CA ILE A 19 -6.14 -2.15 16.13
C ILE A 19 -5.08 -2.40 15.05
N ALA A 20 -3.97 -3.07 15.41
CA ALA A 20 -2.79 -3.21 14.52
C ALA A 20 -3.04 -4.16 13.35
N ILE A 21 -3.69 -5.29 13.61
CA ILE A 21 -3.95 -6.32 12.57
C ILE A 21 -4.76 -5.71 11.37
N PRO A 22 -5.96 -5.05 11.57
CA PRO A 22 -6.66 -4.34 10.46
C PRO A 22 -5.86 -3.14 9.90
N GLN A 23 -5.20 -2.36 10.79
CA GLN A 23 -4.47 -1.12 10.39
C GLN A 23 -3.28 -1.45 9.48
N PHE A 24 -2.71 -2.66 9.68
CA PHE A 24 -1.48 -3.11 8.99
C PHE A 24 -1.81 -3.95 7.75
N SER A 25 -2.86 -4.79 7.86
CA SER A 25 -3.37 -5.58 6.73
C SER A 25 -3.84 -4.63 5.62
N ALA A 26 -4.79 -3.73 5.97
CA ALA A 26 -5.32 -2.70 5.06
C ALA A 26 -4.24 -1.68 4.61
N TYR A 27 -3.14 -1.54 5.39
CA TYR A 27 -1.98 -0.71 5.00
C TYR A 27 -1.26 -1.33 3.79
N ARG A 28 -0.98 -2.64 3.87
CA ARG A 28 -0.33 -3.40 2.79
C ARG A 28 -1.29 -3.64 1.63
N VAL A 29 -2.60 -3.69 1.91
CA VAL A 29 -3.63 -3.89 0.86
C VAL A 29 -3.80 -2.62 0.02
N LYS A 30 -3.82 -1.46 0.69
CA LYS A 30 -3.92 -0.16 0.01
C LYS A 30 -2.62 0.13 -0.78
N ALA A 31 -1.47 -0.39 -0.28
CA ALA A 31 -0.15 -0.19 -0.92
C ALA A 31 0.04 -1.14 -2.11
N TYR A 32 -0.51 -2.36 -1.97
CA TYR A 32 -0.42 -3.42 -3.01
C TYR A 32 -1.31 -3.08 -4.23
N ASN A 33 -2.30 -2.22 -3.99
CA ASN A 33 -3.20 -1.69 -5.04
C ASN A 33 -2.71 -0.34 -5.57
N SER A 34 -2.31 0.58 -4.66
CA SER A 34 -1.88 1.97 -5.03
C SER A 34 -0.58 1.95 -5.85
N ALA A 35 0.47 1.31 -5.29
CA ALA A 35 1.78 1.19 -5.95
C ALA A 35 1.68 0.40 -7.27
N ALA A 36 0.86 -0.67 -7.28
CA ALA A 36 0.63 -1.51 -8.48
C ALA A 36 0.03 -0.69 -9.64
N SER A 37 -1.17 -0.13 -9.39
CA SER A 37 -1.92 0.68 -10.37
C SER A 37 -1.07 1.84 -10.93
N SER A 38 -0.43 2.61 -10.03
CA SER A 38 0.36 3.80 -10.42
C SER A 38 1.67 3.44 -11.10
N ASP A 39 2.26 2.28 -10.75
CA ASP A 39 3.45 1.75 -11.46
C ASP A 39 3.13 1.42 -12.94
N LEU A 40 2.02 0.68 -13.14
CA LEU A 40 1.61 0.17 -14.46
C LEU A 40 1.18 1.33 -15.38
N ARG A 41 0.54 2.35 -14.76
CA ARG A 41 0.14 3.60 -15.43
C ARG A 41 1.38 4.46 -15.78
N ASN A 42 2.33 4.54 -14.82
CA ASN A 42 3.59 5.32 -14.99
C ASN A 42 4.48 4.74 -16.12
N LEU A 43 4.48 3.40 -16.25
CA LEU A 43 5.27 2.70 -17.28
C LEU A 43 4.60 2.80 -18.65
N LYS A 44 3.24 2.81 -18.67
CA LYS A 44 2.48 2.87 -19.93
C LYS A 44 2.60 4.26 -20.55
N THR A 45 2.40 5.29 -19.71
CA THR A 45 2.42 6.70 -20.12
C THR A 45 3.83 7.14 -20.59
N ALA A 46 4.86 6.53 -19.98
CA ALA A 46 6.27 6.67 -20.39
C ALA A 46 6.49 6.16 -21.83
N LEU A 47 5.93 4.97 -22.12
CA LEU A 47 5.97 4.36 -23.47
C LEU A 47 5.13 5.18 -24.49
N GLU A 48 3.97 5.70 -24.06
CA GLU A 48 3.07 6.50 -24.93
C GLU A 48 3.73 7.85 -25.31
N SER A 49 4.44 8.44 -24.34
CA SER A 49 5.23 9.67 -24.53
C SER A 49 6.45 9.42 -25.44
N ALA A 50 6.95 8.18 -25.44
CA ALA A 50 8.10 7.75 -26.28
C ALA A 50 7.65 7.59 -27.74
N PHE A 51 6.60 6.78 -27.94
CA PHE A 51 6.05 6.45 -29.28
C PHE A 51 5.29 7.64 -29.92
N ALA A 52 4.97 8.67 -29.11
CA ALA A 52 4.39 9.95 -29.59
C ALA A 52 5.41 10.76 -30.43
N ASP A 53 6.71 10.43 -30.28
CA ASP A 53 7.80 11.02 -31.10
C ASP A 53 7.86 10.36 -32.50
N ASP A 54 7.40 9.08 -32.57
CA ASP A 54 7.45 8.22 -33.78
C ASP A 54 8.90 7.89 -34.19
N GLN A 55 9.42 6.75 -33.67
CA GLN A 55 10.82 6.30 -33.88
C GLN A 55 10.94 5.41 -35.12
N THR A 56 9.84 4.75 -35.50
CA THR A 56 9.78 3.83 -36.67
C THR A 56 8.69 4.30 -37.67
N TYR A 57 9.04 5.33 -38.46
CA TYR A 57 8.15 5.83 -39.55
C TYR A 57 8.00 4.76 -40.68
N PRO A 58 6.79 4.64 -41.32
CA PRO A 58 6.64 3.70 -42.47
C PRO A 58 7.34 4.25 -43.76
N PRO A 59 8.17 3.40 -44.46
CA PRO A 59 8.80 3.77 -45.77
C PRO A 59 7.76 3.83 -46.93
N GLU A 60 8.26 4.15 -48.15
CA GLU A 60 7.41 4.26 -49.36
C GLU A 60 6.75 2.90 -49.72
N SER A 61 5.43 2.93 -49.94
CA SER A 61 4.63 1.72 -50.28
C SER A 61 3.48 2.10 -51.26
#